data_5WCZ
#
_entry.id   5WCZ
#
_cell.length_a   61.585
_cell.length_b   98.835
_cell.length_c   101.345
_cell.angle_alpha   90.00
_cell.angle_beta   103.08
_cell.angle_gamma   90.00
#
_symmetry.space_group_name_H-M   'P 1 21 1'
#
loop_
_entity.id
_entity.type
_entity.pdbx_description
1 polymer 'Oligo-1,6-glucosidase 1'
2 non-polymer 1-DEOXYNOJIRIMYCIN
3 non-polymer GLYCEROL
4 water water
#
_entity_poly.entity_id   1
_entity_poly.type   'polypeptide(L)'
_entity_poly.pdbx_seq_one_letter_code
;MSYYHHHHHHDYDIPTTENLYFQGAMGEWWKEAVVYQIYPRSFYDANGDGFGDLQGVIQKLDYIKNLGADVIWLSPVFDS
PQDDNGYDISDYKNMYEKFGTNEDMFQLIDEVHKRGMKIVMDLVVNHTSDEHAWFAESRKSKDNPYRDYYLWKDPKPDGS
EPNNWGSIFSGSAWTYDEGTGQYYLHYFSKKQPDLNWENEAVRREVYDVMRFWMDRGVDGWRMDVIGSISKYTDFPDYET
DHSRSYIVGRYHSNGPRLHEFIQEMNREVLSHYDCMTVGEANGSDIEEAKKYTDASRQELNMIFTFEHMDIDKEQNSPNG
KWQIKPFDLIALKKTMTRWQTGLMNVGWNTLYFENHDQPRVISRWGNDRKLRKECAKAFATVLHGMKGTPFIYQGEEIGM
VNSDMPLEMYDDLEIKNAYRELVVENKTMSEKEFVKAVMIKGRDHARTPMQWDAGKHAGFTAGDPWIPVNSRYQDINVKE
SLEDQDSIFFYYQKLIQLRKQYKIMIYGDYQLLQENDPQVFSYLREYRGEKLLVVVNLSEEKALFEAPPELIHERWKVLI
SNYPQERADLKSISLKPYEAVMGISI
;
_entity_poly.pdbx_strand_id   A,B
#
# COMPACT_ATOMS: atom_id res chain seq x y z
N GLU A 28 -8.57 -34.05 -12.26
CA GLU A 28 -9.16 -33.26 -11.20
C GLU A 28 -9.72 -34.12 -10.07
N TRP A 29 -8.98 -35.18 -9.72
CA TRP A 29 -9.36 -36.01 -8.59
C TRP A 29 -9.40 -35.23 -7.28
N TRP A 30 -8.69 -34.11 -7.20
CA TRP A 30 -8.68 -33.32 -5.97
C TRP A 30 -10.03 -32.67 -5.70
N LYS A 31 -10.88 -32.52 -6.72
CA LYS A 31 -12.22 -31.98 -6.49
C LYS A 31 -13.08 -32.95 -5.70
N GLU A 32 -12.86 -34.25 -5.86
CA GLU A 32 -13.67 -35.28 -5.22
C GLU A 32 -13.01 -35.83 -3.97
N ALA A 33 -11.85 -35.34 -3.59
CA ALA A 33 -11.13 -35.87 -2.45
C ALA A 33 -11.73 -35.38 -1.13
N VAL A 34 -11.50 -36.16 -0.08
CA VAL A 34 -11.63 -35.72 1.29
C VAL A 34 -10.25 -35.85 1.94
N VAL A 35 -9.76 -34.76 2.51
CA VAL A 35 -8.40 -34.69 3.06
C VAL A 35 -8.46 -34.86 4.57
N TYR A 36 -7.60 -35.73 5.10
CA TYR A 36 -7.38 -35.86 6.54
C TYR A 36 -6.06 -35.18 6.88
N GLN A 37 -6.09 -34.17 7.76
CA GLN A 37 -4.84 -33.52 8.14
C GLN A 37 -4.28 -34.17 9.40
N ILE A 38 -3.02 -34.59 9.32
CA ILE A 38 -2.28 -35.15 10.43
C ILE A 38 -1.33 -34.09 10.97
N TYR A 39 -1.34 -33.90 12.29
CA TYR A 39 -0.30 -33.14 13.00
C TYR A 39 0.60 -34.19 13.65
N PRO A 40 1.67 -34.61 12.96
CA PRO A 40 2.27 -35.92 13.29
C PRO A 40 2.89 -36.01 14.68
N ARG A 41 3.43 -34.93 15.26
CA ARG A 41 3.99 -35.10 16.60
C ARG A 41 2.92 -35.41 17.64
N SER A 42 1.64 -35.26 17.30
CA SER A 42 0.55 -35.55 18.23
C SER A 42 -0.38 -36.64 17.73
N PHE A 43 0.01 -37.42 16.72
CA PHE A 43 -0.93 -38.39 16.16
C PHE A 43 -0.76 -39.77 16.79
N TYR A 44 0.40 -40.41 16.60
CA TYR A 44 0.61 -41.72 17.23
C TYR A 44 2.11 -41.97 17.39
N ASP A 45 2.51 -42.35 18.60
CA ASP A 45 3.92 -42.52 18.95
C ASP A 45 4.24 -44.01 18.94
N ALA A 46 4.91 -44.47 17.88
CA ALA A 46 5.24 -45.88 17.78
C ALA A 46 6.43 -46.27 18.66
N ASN A 47 7.42 -45.41 18.87
CA ASN A 47 8.63 -45.87 19.57
C ASN A 47 8.65 -45.53 21.06
N GLY A 48 7.71 -44.74 21.56
CA GLY A 48 7.55 -44.61 22.99
C GLY A 48 8.26 -43.46 23.65
N ASP A 49 8.80 -42.50 22.87
CA ASP A 49 9.45 -41.35 23.47
C ASP A 49 8.48 -40.20 23.76
N GLY A 50 7.18 -40.40 23.51
CA GLY A 50 6.18 -39.37 23.76
C GLY A 50 5.95 -38.42 22.60
N PHE A 51 6.61 -38.66 21.47
CA PHE A 51 6.60 -37.77 20.31
C PHE A 51 6.06 -38.58 19.13
N GLY A 52 4.93 -38.15 18.57
CA GLY A 52 4.35 -38.89 17.45
C GLY A 52 5.31 -38.94 16.27
N ASP A 53 5.34 -40.08 15.58
CA ASP A 53 6.39 -40.31 14.59
C ASP A 53 5.82 -40.93 13.31
N LEU A 54 6.70 -41.09 12.31
CA LEU A 54 6.25 -41.53 11.00
C LEU A 54 5.80 -42.99 11.01
N GLN A 55 6.50 -43.85 11.77
CA GLN A 55 6.02 -45.21 11.93
C GLN A 55 4.66 -45.25 12.60
N GLY A 56 4.40 -44.31 13.52
CA GLY A 56 3.07 -44.19 14.10
C GLY A 56 2.01 -43.88 13.07
N VAL A 57 2.28 -42.92 12.17
CA VAL A 57 1.35 -42.66 11.07
C VAL A 57 1.07 -43.92 10.29
N ILE A 58 2.13 -44.66 9.93
CA ILE A 58 1.96 -45.86 9.13
C ILE A 58 0.99 -46.83 9.81
N GLN A 59 1.13 -47.00 11.12
CA GLN A 59 0.27 -47.93 11.86
C GLN A 59 -1.17 -47.48 11.91
N LYS A 60 -1.44 -46.19 11.67
CA LYS A 60 -2.81 -45.71 11.73
C LYS A 60 -3.40 -45.41 10.35
N LEU A 61 -2.73 -45.81 9.26
CA LEU A 61 -3.27 -45.55 7.93
C LEU A 61 -4.56 -46.32 7.69
N ASP A 62 -4.66 -47.55 8.20
CA ASP A 62 -5.89 -48.31 8.03
C ASP A 62 -7.07 -47.60 8.68
N TYR A 63 -6.83 -46.96 9.84
CA TYR A 63 -7.89 -46.18 10.49
C TYR A 63 -8.37 -45.05 9.60
N ILE A 64 -7.43 -44.31 9.00
CA ILE A 64 -7.81 -43.19 8.14
C ILE A 64 -8.55 -43.70 6.90
N LYS A 65 -8.09 -44.80 6.31
CA LYS A 65 -8.77 -45.31 5.13
C LYS A 65 -10.18 -45.79 5.47
N ASN A 66 -10.37 -46.40 6.64
CA ASN A 66 -11.71 -46.85 7.04
C ASN A 66 -12.65 -45.67 7.25
N LEU A 67 -12.15 -44.59 7.87
CA LEU A 67 -12.93 -43.35 7.93
C LEU A 67 -13.38 -42.94 6.53
N GLY A 68 -12.48 -43.01 5.56
CA GLY A 68 -12.82 -42.78 4.16
C GLY A 68 -12.02 -41.68 3.49
N ALA A 69 -11.08 -41.03 4.18
CA ALA A 69 -10.28 -40.01 3.51
C ALA A 69 -9.40 -40.68 2.46
N ASP A 70 -9.17 -40.00 1.35
CA ASP A 70 -8.27 -40.56 0.36
C ASP A 70 -7.05 -39.72 0.12
N VAL A 71 -6.91 -38.59 0.82
CA VAL A 71 -5.70 -37.80 0.80
C VAL A 71 -5.33 -37.47 2.24
N ILE A 72 -4.05 -37.58 2.58
CA ILE A 72 -3.54 -37.16 3.87
CA ILE A 72 -3.57 -37.12 3.87
C ILE A 72 -2.61 -35.96 3.65
N TRP A 73 -2.79 -34.91 4.44
CA TRP A 73 -1.86 -33.80 4.47
C TRP A 73 -1.12 -33.86 5.80
N LEU A 74 0.20 -33.99 5.73
CA LEU A 74 1.06 -34.08 6.90
C LEU A 74 1.63 -32.70 7.20
N SER A 75 1.41 -32.22 8.42
CA SER A 75 2.14 -31.04 8.88
C SER A 75 3.64 -31.37 8.85
N PRO A 76 4.50 -30.35 8.86
CA PRO A 76 5.89 -30.55 8.37
C PRO A 76 6.75 -31.41 9.30
N VAL A 77 7.40 -32.39 8.69
CA VAL A 77 8.25 -33.36 9.38
C VAL A 77 9.73 -33.16 9.01
N PHE A 78 10.04 -32.13 8.23
CA PHE A 78 11.41 -31.84 7.82
C PHE A 78 12.27 -31.43 9.02
N ASP A 79 13.57 -31.57 8.86
CA ASP A 79 14.45 -31.20 9.95
C ASP A 79 14.26 -29.75 10.33
N SER A 80 14.26 -29.48 11.62
CA SER A 80 13.77 -28.23 12.20
C SER A 80 14.16 -28.20 13.67
N PRO A 81 14.63 -27.06 14.18
CA PRO A 81 14.86 -26.95 15.64
C PRO A 81 13.57 -26.87 16.45
N GLN A 82 12.41 -26.85 15.80
CA GLN A 82 11.09 -26.89 16.45
C GLN A 82 10.75 -25.60 17.21
N ASP A 83 11.33 -24.46 16.81
CA ASP A 83 10.89 -23.21 17.41
C ASP A 83 9.41 -22.97 17.15
N ASP A 84 8.93 -23.38 15.99
CA ASP A 84 7.54 -23.30 15.60
C ASP A 84 7.07 -24.68 15.16
N ASN A 85 7.51 -25.69 15.89
CA ASN A 85 7.10 -27.09 15.73
C ASN A 85 7.05 -27.50 14.25
N GLY A 86 8.19 -27.34 13.58
CA GLY A 86 8.34 -27.82 12.21
C GLY A 86 8.16 -26.77 11.14
N TYR A 87 7.53 -25.64 11.45
CA TYR A 87 7.36 -24.61 10.42
C TYR A 87 8.59 -23.71 10.34
N ASP A 88 9.66 -24.07 11.05
CA ASP A 88 10.98 -23.45 10.94
C ASP A 88 11.96 -24.52 10.44
N ILE A 89 12.16 -24.58 9.13
CA ILE A 89 12.81 -25.73 8.50
C ILE A 89 14.30 -25.45 8.35
N SER A 90 15.14 -26.38 8.84
CA SER A 90 16.58 -26.25 8.71
C SER A 90 17.18 -27.19 7.66
N ASP A 91 16.39 -28.13 7.13
CA ASP A 91 16.83 -28.99 6.01
C ASP A 91 15.58 -29.50 5.31
N TYR A 92 15.36 -29.04 4.07
CA TYR A 92 14.17 -29.43 3.31
C TYR A 92 14.23 -30.86 2.80
N LYS A 93 15.37 -31.54 2.85
CA LYS A 93 15.49 -32.83 2.19
C LYS A 93 15.82 -33.94 3.17
N ASN A 94 15.53 -33.73 4.45
CA ASN A 94 15.71 -34.74 5.47
C ASN A 94 14.65 -34.56 6.54
N MET A 95 14.40 -35.64 7.27
CA MET A 95 13.42 -35.63 8.35
C MET A 95 14.03 -35.13 9.65
N TYR A 96 13.19 -34.50 10.47
CA TYR A 96 13.55 -34.27 11.85
C TYR A 96 13.68 -35.60 12.59
N GLU A 97 14.72 -35.72 13.41
CA GLU A 97 15.13 -37.01 13.97
C GLU A 97 14.01 -37.70 14.72
N LYS A 98 13.16 -36.94 15.43
CA LYS A 98 12.14 -37.62 16.23
C LYS A 98 11.00 -38.14 15.37
N PHE A 99 10.87 -37.65 14.14
CA PHE A 99 9.87 -38.25 13.25
C PHE A 99 10.39 -39.54 12.63
N GLY A 100 11.71 -39.65 12.48
CA GLY A 100 12.32 -40.80 11.85
C GLY A 100 13.38 -40.36 10.86
N THR A 101 13.61 -41.18 9.83
CA THR A 101 14.55 -40.88 8.75
C THR A 101 13.80 -40.80 7.44
N ASN A 102 14.50 -40.36 6.40
CA ASN A 102 13.91 -40.37 5.07
C ASN A 102 13.41 -41.76 4.69
N GLU A 103 14.07 -42.80 5.18
CA GLU A 103 13.61 -44.15 4.88
C GLU A 103 12.21 -44.39 5.44
N ASP A 104 11.94 -43.89 6.65
CA ASP A 104 10.57 -43.94 7.18
C ASP A 104 9.61 -43.13 6.33
N MET A 105 10.06 -41.95 5.87
CA MET A 105 9.20 -41.13 5.02
C MET A 105 8.89 -41.82 3.70
N PHE A 106 9.90 -42.42 3.07
CA PHE A 106 9.66 -43.16 1.83
C PHE A 106 8.74 -44.36 2.06
N GLN A 107 8.89 -45.05 3.19
CA GLN A 107 7.98 -46.14 3.49
C GLN A 107 6.54 -45.63 3.65
N LEU A 108 6.37 -44.49 4.32
CA LEU A 108 5.03 -43.91 4.47
C LEU A 108 4.42 -43.61 3.11
N ILE A 109 5.20 -42.98 2.23
CA ILE A 109 4.69 -42.70 0.88
C ILE A 109 4.21 -43.97 0.21
N ASP A 110 4.99 -45.06 0.33
CA ASP A 110 4.60 -46.32 -0.29
CA ASP A 110 4.61 -46.33 -0.27
C ASP A 110 3.37 -46.90 0.38
N GLU A 111 3.30 -46.82 1.72
CA GLU A 111 2.15 -47.37 2.44
C GLU A 111 0.87 -46.61 2.10
N VAL A 112 0.97 -45.30 1.89
CA VAL A 112 -0.19 -44.50 1.48
C VAL A 112 -0.65 -44.94 0.10
N HIS A 113 0.28 -45.07 -0.84
CA HIS A 113 -0.09 -45.42 -2.19
C HIS A 113 -0.60 -46.86 -2.27
N LYS A 114 -0.06 -47.77 -1.45
CA LYS A 114 -0.55 -49.14 -1.42
C LYS A 114 -2.04 -49.18 -1.10
N ARG A 115 -2.51 -48.24 -0.28
CA ARG A 115 -3.90 -48.18 0.14
C ARG A 115 -4.76 -47.33 -0.80
N GLY A 116 -4.25 -46.95 -1.96
CA GLY A 116 -5.02 -46.13 -2.86
C GLY A 116 -5.22 -44.71 -2.40
N MET A 117 -4.35 -44.22 -1.52
CA MET A 117 -4.47 -42.85 -1.02
C MET A 117 -3.35 -41.99 -1.60
N LYS A 118 -3.44 -40.68 -1.33
CA LYS A 118 -2.44 -39.71 -1.78
C LYS A 118 -1.89 -38.98 -0.56
N ILE A 119 -0.64 -38.51 -0.67
CA ILE A 119 0.00 -37.80 0.43
C ILE A 119 0.41 -36.41 -0.03
N VAL A 120 -0.01 -35.41 0.74
CA VAL A 120 0.30 -34.00 0.51
C VAL A 120 1.23 -33.55 1.64
N MET A 121 2.31 -32.87 1.28
CA MET A 121 3.26 -32.39 2.28
C MET A 121 3.13 -30.89 2.45
N ASP A 122 3.68 -30.38 3.54
CA ASP A 122 3.61 -28.96 3.86
C ASP A 122 4.83 -28.28 3.24
N LEU A 123 4.59 -27.40 2.27
CA LEU A 123 5.68 -26.63 1.66
C LEU A 123 5.81 -25.31 2.40
N VAL A 124 6.94 -25.11 3.07
CA VAL A 124 7.15 -23.97 3.96
C VAL A 124 8.30 -23.16 3.39
N VAL A 125 7.98 -22.24 2.47
CA VAL A 125 9.02 -21.51 1.75
C VAL A 125 8.82 -20.00 1.76
N ASN A 126 7.98 -19.48 2.67
CA ASN A 126 8.07 -18.05 2.96
C ASN A 126 9.31 -17.74 3.79
N HIS A 127 9.79 -18.71 4.56
CA HIS A 127 10.87 -18.52 5.52
C HIS A 127 11.52 -19.88 5.78
N THR A 128 12.74 -19.83 6.32
CA THR A 128 13.43 -21.03 6.80
C THR A 128 13.77 -20.83 8.27
N SER A 129 14.30 -21.88 8.88
CA SER A 129 14.94 -21.74 10.17
C SER A 129 16.19 -20.87 10.05
N ASP A 130 16.51 -20.15 11.13
CA ASP A 130 17.78 -19.44 11.14
C ASP A 130 18.96 -20.39 11.32
N GLU A 131 18.69 -21.68 11.53
CA GLU A 131 19.71 -22.72 11.54
C GLU A 131 19.83 -23.44 10.21
N HIS A 132 19.04 -23.05 9.20
CA HIS A 132 19.27 -23.57 7.86
C HIS A 132 20.65 -23.14 7.39
N ALA A 133 21.32 -24.01 6.63
CA ALA A 133 22.67 -23.69 6.15
C ALA A 133 22.69 -22.39 5.35
N TRP A 134 21.64 -22.14 4.55
CA TRP A 134 21.58 -20.89 3.79
C TRP A 134 21.67 -19.68 4.70
N PHE A 135 20.98 -19.72 5.84
CA PHE A 135 21.00 -18.55 6.71
C PHE A 135 22.28 -18.48 7.53
N ALA A 136 22.82 -19.64 7.93
CA ALA A 136 24.09 -19.66 8.63
C ALA A 136 25.19 -19.02 7.79
N GLU A 137 25.13 -19.21 6.46
CA GLU A 137 26.03 -18.50 5.56
C GLU A 137 25.62 -17.03 5.42
N SER A 138 24.34 -16.80 5.11
CA SER A 138 23.84 -15.46 4.80
C SER A 138 24.24 -14.45 5.87
N ARG A 139 24.12 -14.82 7.12
CA ARG A 139 24.32 -13.87 8.21
C ARG A 139 25.79 -13.55 8.46
N LYS A 140 26.72 -14.24 7.79
CA LYS A 140 28.13 -14.08 8.12
C LYS A 140 28.65 -12.71 7.72
N SER A 141 28.23 -12.21 6.55
CA SER A 141 28.78 -10.95 6.04
C SER A 141 27.94 -10.50 4.86
N LYS A 142 28.00 -9.19 4.57
CA LYS A 142 27.25 -8.64 3.46
C LYS A 142 27.73 -9.14 2.11
N ASP A 143 28.95 -9.69 2.03
CA ASP A 143 29.47 -10.23 0.78
C ASP A 143 29.42 -11.76 0.74
N ASN A 144 28.75 -12.39 1.69
CA ASN A 144 28.58 -13.84 1.62
C ASN A 144 27.72 -14.18 0.40
N PRO A 145 28.05 -15.25 -0.33
CA PRO A 145 27.24 -15.61 -1.50
C PRO A 145 25.77 -15.86 -1.21
N TYR A 146 25.40 -16.17 0.04
CA TYR A 146 24.01 -16.39 0.39
C TYR A 146 23.38 -15.19 1.09
N ARG A 147 24.06 -14.05 1.12
CA ARG A 147 23.51 -12.88 1.81
C ARG A 147 22.12 -12.53 1.30
N ASP A 148 21.93 -12.52 -0.02
CA ASP A 148 20.67 -12.11 -0.64
C ASP A 148 19.66 -13.25 -0.71
N TYR A 149 19.90 -14.36 -0.01
CA TYR A 149 18.85 -15.36 0.16
C TYR A 149 17.80 -14.89 1.13
N TYR A 150 18.13 -13.91 1.97
CA TYR A 150 17.21 -13.39 2.97
C TYR A 150 17.08 -11.88 2.81
N LEU A 151 16.38 -11.22 3.72
CA LEU A 151 15.98 -9.82 3.54
C LEU A 151 16.65 -8.96 4.61
N TRP A 152 17.72 -8.27 4.23
CA TRP A 152 18.55 -7.49 5.14
C TRP A 152 18.39 -6.00 4.89
N LYS A 153 18.27 -5.21 5.96
CA LYS A 153 18.09 -3.76 5.85
C LYS A 153 18.87 -3.03 6.94
N ASP A 154 19.36 -1.84 6.60
CA ASP A 154 20.08 -1.02 7.56
C ASP A 154 19.14 -0.57 8.68
N PRO A 155 19.67 -0.32 9.88
CA PRO A 155 18.88 0.37 10.90
C PRO A 155 18.53 1.78 10.44
N LYS A 156 17.58 2.39 11.15
CA LYS A 156 17.39 3.82 11.06
C LYS A 156 18.60 4.52 11.66
N PRO A 157 18.74 5.84 11.45
CA PRO A 157 19.88 6.55 12.06
C PRO A 157 20.01 6.37 13.56
N ASP A 158 18.91 6.36 14.31
CA ASP A 158 18.95 6.17 15.75
C ASP A 158 19.14 4.72 16.16
N GLY A 159 19.41 3.82 15.21
CA GLY A 159 19.63 2.43 15.52
C GLY A 159 18.39 1.55 15.46
N SER A 160 17.20 2.15 15.36
CA SER A 160 15.96 1.38 15.49
C SER A 160 15.68 0.59 14.20
N GLU A 161 14.53 -0.11 14.21
CA GLU A 161 14.22 -1.05 13.15
C GLU A 161 13.87 -0.32 11.85
N PRO A 162 14.11 -0.94 10.69
CA PRO A 162 13.85 -0.26 9.41
C PRO A 162 12.44 0.32 9.30
N ASN A 163 11.43 -0.31 9.88
CA ASN A 163 10.07 0.24 9.86
C ASN A 163 9.31 -0.29 11.07
N ASN A 164 8.00 -0.03 11.10
CA ASN A 164 7.17 -0.37 12.25
C ASN A 164 6.42 -1.70 12.07
N TRP A 165 6.88 -2.57 11.18
CA TRP A 165 6.17 -3.81 10.93
C TRP A 165 6.33 -4.75 12.12
N GLY A 166 5.26 -5.47 12.43
CA GLY A 166 5.26 -6.43 13.50
C GLY A 166 5.35 -7.88 13.04
N SER A 167 5.82 -8.73 13.94
CA SER A 167 5.75 -10.17 13.76
C SER A 167 4.37 -10.70 14.14
N ILE A 168 3.92 -11.73 13.42
CA ILE A 168 2.68 -12.38 13.77
C ILE A 168 2.77 -13.00 15.16
N PHE A 169 3.98 -13.31 15.63
CA PHE A 169 4.19 -13.82 16.98
C PHE A 169 4.69 -12.77 17.94
N SER A 170 4.16 -11.54 17.83
CA SER A 170 4.43 -10.41 18.74
C SER A 170 5.77 -9.75 18.47
N GLY A 171 5.86 -8.47 18.82
CA GLY A 171 7.10 -7.73 18.67
C GLY A 171 7.37 -7.32 17.22
N SER A 172 8.62 -6.93 17.01
CA SER A 172 9.05 -6.44 15.72
C SER A 172 9.25 -7.56 14.71
N ALA A 173 9.00 -7.26 13.44
CA ALA A 173 9.34 -8.13 12.33
C ALA A 173 10.83 -8.10 11.97
N TRP A 174 11.65 -7.36 12.71
CA TRP A 174 13.07 -7.25 12.40
C TRP A 174 13.91 -7.64 13.60
N THR A 175 15.03 -8.30 13.33
CA THR A 175 15.99 -8.65 14.37
C THR A 175 17.38 -8.22 13.94
N TYR A 176 18.08 -7.56 14.85
CA TYR A 176 19.40 -6.99 14.57
C TYR A 176 20.48 -8.07 14.62
N ASP A 177 21.41 -8.00 13.67
CA ASP A 177 22.59 -8.86 13.64
C ASP A 177 23.80 -7.98 13.94
N GLU A 178 24.42 -8.18 15.11
CA GLU A 178 25.51 -7.32 15.53
C GLU A 178 26.70 -7.42 14.57
N GLY A 179 26.95 -8.62 14.04
CA GLY A 179 28.14 -8.82 13.23
C GLY A 179 28.17 -7.96 11.98
N THR A 180 27.04 -7.88 11.26
CA THR A 180 26.98 -7.10 10.03
C THR A 180 26.28 -5.77 10.20
N GLY A 181 25.71 -5.48 11.36
CA GLY A 181 25.05 -4.21 11.57
C GLY A 181 23.81 -4.00 10.72
N GLN A 182 23.10 -5.08 10.38
CA GLN A 182 21.84 -4.98 9.66
C GLN A 182 20.78 -5.81 10.37
N TYR A 183 19.51 -5.46 10.12
CA TYR A 183 18.37 -6.24 10.57
C TYR A 183 17.94 -7.21 9.48
N TYR A 184 17.48 -8.39 9.87
CA TYR A 184 16.82 -9.30 8.93
C TYR A 184 15.34 -9.38 9.27
N LEU A 185 14.52 -9.60 8.24
CA LEU A 185 13.07 -9.63 8.35
C LEU A 185 12.58 -11.03 8.76
N HIS A 186 11.60 -11.07 9.65
CA HIS A 186 10.87 -12.31 9.92
C HIS A 186 9.42 -11.97 10.22
N TYR A 187 8.50 -12.37 9.34
CA TYR A 187 7.10 -12.19 9.66
C TYR A 187 6.70 -13.02 10.87
N PHE A 188 7.37 -14.14 11.09
CA PHE A 188 7.04 -15.04 12.19
C PHE A 188 8.14 -14.94 13.25
N SER A 189 8.67 -16.05 13.78
CA SER A 189 9.59 -15.90 14.90
C SER A 189 10.95 -15.39 14.43
N LYS A 190 11.75 -14.90 15.40
CA LYS A 190 13.11 -14.48 15.08
C LYS A 190 13.94 -15.64 14.55
N LYS A 191 13.57 -16.88 14.83
CA LYS A 191 14.23 -18.03 14.24
C LYS A 191 13.55 -18.49 12.95
N GLN A 192 12.79 -17.62 12.30
CA GLN A 192 12.14 -17.91 11.02
C GLN A 192 12.40 -16.77 10.03
N PRO A 193 13.65 -16.55 9.66
CA PRO A 193 13.94 -15.49 8.68
C PRO A 193 13.29 -15.74 7.33
N ASP A 194 12.69 -14.67 6.77
CA ASP A 194 11.98 -14.74 5.49
C ASP A 194 12.94 -14.85 4.32
N LEU A 195 12.59 -15.71 3.37
CA LEU A 195 13.37 -15.86 2.15
C LEU A 195 13.14 -14.67 1.21
N ASN A 196 14.15 -14.38 0.39
CA ASN A 196 14.11 -13.28 -0.58
C ASN A 196 13.69 -13.86 -1.93
N TRP A 197 12.39 -13.81 -2.22
CA TRP A 197 11.90 -14.34 -3.47
C TRP A 197 12.25 -13.46 -4.66
N GLU A 198 12.76 -12.24 -4.42
CA GLU A 198 13.28 -11.44 -5.53
C GLU A 198 14.51 -12.05 -6.15
N ASN A 199 15.18 -12.93 -5.43
CA ASN A 199 16.40 -13.59 -5.88
C ASN A 199 16.01 -14.85 -6.63
N GLU A 200 16.26 -14.86 -7.94
CA GLU A 200 15.92 -16.02 -8.76
C GLU A 200 16.56 -17.31 -8.23
N ALA A 201 17.74 -17.20 -7.62
CA ALA A 201 18.39 -18.39 -7.07
C ALA A 201 17.54 -19.00 -5.96
N VAL A 202 16.93 -18.16 -5.12
CA VAL A 202 16.05 -18.64 -4.06
C VAL A 202 14.87 -19.39 -4.66
N ARG A 203 14.22 -18.81 -5.67
CA ARG A 203 13.09 -19.48 -6.30
C ARG A 203 13.51 -20.81 -6.89
N ARG A 204 14.71 -20.87 -7.49
CA ARG A 204 15.18 -22.12 -8.06
C ARG A 204 15.44 -23.17 -6.98
N GLU A 205 15.97 -22.76 -5.82
CA GLU A 205 16.16 -23.70 -4.72
C GLU A 205 14.83 -24.31 -4.29
N VAL A 206 13.79 -23.48 -4.19
CA VAL A 206 12.46 -23.96 -3.79
C VAL A 206 11.96 -24.99 -4.79
N TYR A 207 12.08 -24.69 -6.09
CA TYR A 207 11.58 -25.63 -7.08
C TYR A 207 12.36 -26.94 -7.05
N ASP A 208 13.65 -26.89 -6.74
CA ASP A 208 14.43 -28.11 -6.59
C ASP A 208 13.92 -28.96 -5.44
N VAL A 209 13.58 -28.33 -4.32
CA VAL A 209 13.01 -29.05 -3.18
C VAL A 209 11.70 -29.72 -3.57
N MET A 210 10.85 -28.99 -4.29
CA MET A 210 9.57 -29.55 -4.72
C MET A 210 9.77 -30.77 -5.61
N ARG A 211 10.69 -30.67 -6.59
CA ARG A 211 10.94 -31.78 -7.49
C ARG A 211 11.55 -32.97 -6.77
N PHE A 212 12.46 -32.71 -5.83
CA PHE A 212 13.03 -33.78 -5.01
C PHE A 212 11.93 -34.64 -4.41
N TRP A 213 10.94 -33.98 -3.80
CA TRP A 213 9.92 -34.74 -3.10
C TRP A 213 8.86 -35.29 -4.05
N MET A 214 8.51 -34.54 -5.09
CA MET A 214 7.50 -35.05 -6.03
C MET A 214 8.05 -36.20 -6.86
N ASP A 215 9.34 -36.17 -7.19
CA ASP A 215 9.96 -37.32 -7.87
C ASP A 215 9.99 -38.55 -6.98
N ARG A 216 9.86 -38.38 -5.66
CA ARG A 216 9.84 -39.50 -4.73
C ARG A 216 8.43 -39.84 -4.25
N GLY A 217 7.42 -39.35 -4.95
CA GLY A 217 6.06 -39.83 -4.76
C GLY A 217 5.13 -38.89 -4.03
N VAL A 218 5.59 -37.72 -3.59
CA VAL A 218 4.69 -36.77 -2.94
C VAL A 218 3.68 -36.27 -3.95
N ASP A 219 2.41 -36.34 -3.59
CA ASP A 219 1.31 -36.08 -4.52
C ASP A 219 0.85 -34.64 -4.54
N GLY A 220 1.44 -33.77 -3.74
CA GLY A 220 0.98 -32.39 -3.71
C GLY A 220 1.49 -31.67 -2.49
N TRP A 221 1.06 -30.41 -2.39
CA TRP A 221 1.61 -29.49 -1.40
C TRP A 221 0.52 -28.64 -0.79
N ARG A 222 0.56 -28.50 0.53
CA ARG A 222 -0.13 -27.45 1.25
C ARG A 222 0.92 -26.36 1.49
N MET A 223 0.66 -25.15 0.98
CA MET A 223 1.71 -24.14 0.91
C MET A 223 1.53 -23.13 2.04
N ASP A 224 2.46 -23.21 3.01
CA ASP A 224 2.39 -22.42 4.23
C ASP A 224 2.48 -20.93 3.93
N VAL A 225 1.54 -20.16 4.48
CA VAL A 225 1.40 -18.70 4.30
C VAL A 225 1.93 -18.27 2.94
N ILE A 226 1.37 -18.88 1.89
CA ILE A 226 1.83 -18.58 0.54
C ILE A 226 1.53 -17.13 0.17
N GLY A 227 0.57 -16.50 0.85
CA GLY A 227 0.25 -15.10 0.56
C GLY A 227 1.36 -14.12 0.92
N SER A 228 2.40 -14.57 1.61
CA SER A 228 3.44 -13.69 2.12
C SER A 228 4.73 -13.68 1.30
N ILE A 229 4.87 -14.55 0.30
CA ILE A 229 6.20 -14.71 -0.30
C ILE A 229 6.68 -13.47 -1.06
N SER A 230 5.78 -12.64 -1.54
CA SER A 230 6.17 -11.40 -2.24
C SER A 230 6.10 -10.23 -1.27
N LYS A 231 7.22 -9.50 -1.16
CA LYS A 231 7.27 -8.32 -0.32
C LYS A 231 7.21 -7.04 -1.14
N TYR A 232 6.74 -5.97 -0.49
CA TYR A 232 6.94 -4.61 -0.97
C TYR A 232 8.36 -4.22 -0.58
N THR A 233 9.27 -4.21 -1.56
CA THR A 233 10.69 -4.05 -1.28
C THR A 233 11.05 -2.66 -0.74
N ASP A 234 10.13 -1.69 -0.81
CA ASP A 234 10.33 -0.43 -0.11
C ASP A 234 10.13 -0.58 1.40
N PHE A 235 9.50 -1.66 1.84
CA PHE A 235 9.13 -1.85 3.23
C PHE A 235 8.49 -0.60 3.84
N PRO A 236 7.42 -0.09 3.24
CA PRO A 236 6.82 1.16 3.73
C PRO A 236 6.22 0.99 5.12
N ASP A 237 6.37 2.02 5.95
CA ASP A 237 5.74 2.04 7.26
C ASP A 237 4.22 1.97 7.13
N TYR A 238 3.59 1.29 8.09
CA TYR A 238 2.17 1.47 8.26
C TYR A 238 1.88 2.84 8.87
N GLU A 239 0.67 3.32 8.65
CA GLU A 239 0.22 4.56 9.28
C GLU A 239 -0.16 4.32 10.74
N THR A 240 0.15 5.29 11.60
CA THR A 240 -0.37 5.30 12.97
C THR A 240 -0.64 6.72 13.43
N ARG A 244 0.45 2.18 19.14
CA ARG A 244 1.02 0.84 19.05
C ARG A 244 2.32 0.85 18.25
N SER A 245 3.32 0.13 18.74
CA SER A 245 4.64 0.21 18.13
C SER A 245 4.74 -0.63 16.86
N TYR A 246 4.17 -1.83 16.86
CA TYR A 246 4.31 -2.76 15.74
C TYR A 246 2.95 -3.12 15.15
N ILE A 247 2.89 -3.15 13.83
CA ILE A 247 1.64 -3.30 13.09
C ILE A 247 1.75 -4.45 12.11
N VAL A 248 0.71 -5.28 12.04
CA VAL A 248 0.55 -6.29 11.01
C VAL A 248 -0.65 -5.90 10.17
N GLY A 249 -0.46 -5.81 8.85
CA GLY A 249 -1.56 -5.39 8.00
C GLY A 249 -1.39 -5.71 6.52
N ARG A 250 -1.80 -4.76 5.67
CA ARG A 250 -1.97 -5.02 4.23
C ARG A 250 -0.68 -5.42 3.55
N TYR A 251 0.46 -4.96 4.06
CA TYR A 251 1.71 -5.25 3.38
C TYR A 251 2.24 -6.65 3.65
N HIS A 252 1.72 -7.32 4.69
CA HIS A 252 2.18 -8.66 5.07
C HIS A 252 1.66 -9.76 4.16
N SER A 253 0.82 -9.45 3.18
CA SER A 253 0.36 -10.44 2.22
C SER A 253 0.03 -9.73 0.92
N ASN A 254 -0.19 -10.53 -0.13
CA ASN A 254 -0.64 -10.02 -1.42
C ASN A 254 0.33 -8.99 -1.98
N GLY A 255 1.61 -9.35 -2.03
CA GLY A 255 2.64 -8.48 -2.55
C GLY A 255 2.56 -8.30 -4.05
N PRO A 256 3.35 -7.37 -4.60
CA PRO A 256 3.19 -7.03 -6.03
C PRO A 256 3.56 -8.14 -7.00
N ARG A 257 4.34 -9.14 -6.58
CA ARG A 257 4.78 -10.21 -7.46
C ARG A 257 4.24 -11.57 -7.02
N LEU A 258 3.28 -11.58 -6.10
CA LEU A 258 2.79 -12.85 -5.55
C LEU A 258 2.34 -13.80 -6.65
N HIS A 259 1.45 -13.34 -7.53
CA HIS A 259 0.90 -14.27 -8.51
C HIS A 259 1.86 -14.53 -9.67
N GLU A 260 2.74 -13.59 -9.97
CA GLU A 260 3.85 -13.87 -10.87
C GLU A 260 4.66 -15.06 -10.37
N PHE A 261 4.98 -15.07 -9.07
CA PHE A 261 5.79 -16.13 -8.50
C PHE A 261 5.05 -17.46 -8.53
N ILE A 262 3.75 -17.46 -8.20
CA ILE A 262 3.00 -18.72 -8.21
C ILE A 262 2.83 -19.23 -9.64
N GLN A 263 2.62 -18.32 -10.59
CA GLN A 263 2.54 -18.76 -11.99
C GLN A 263 3.86 -19.35 -12.44
N GLU A 264 4.96 -18.78 -11.99
CA GLU A 264 6.26 -19.36 -12.30
C GLU A 264 6.41 -20.75 -11.69
N MET A 265 6.03 -20.89 -10.42
CA MET A 265 6.07 -22.19 -9.76
C MET A 265 5.24 -23.22 -10.53
N ASN A 266 4.06 -22.81 -11.03
CA ASN A 266 3.26 -23.73 -11.82
C ASN A 266 3.98 -24.11 -13.11
N ARG A 267 4.57 -23.13 -13.80
CA ARG A 267 5.27 -23.39 -15.06
C ARG A 267 6.43 -24.35 -14.86
N GLU A 268 7.22 -24.12 -13.81
CA GLU A 268 8.46 -24.84 -13.59
C GLU A 268 8.30 -26.18 -12.88
N VAL A 269 7.22 -26.36 -12.11
CA VAL A 269 7.11 -27.57 -11.28
C VAL A 269 5.72 -28.21 -11.43
N LEU A 270 4.68 -27.49 -10.99
CA LEU A 270 3.38 -28.12 -10.81
C LEU A 270 2.84 -28.69 -12.11
N SER A 271 3.09 -28.00 -13.23
CA SER A 271 2.62 -28.49 -14.52
C SER A 271 3.28 -29.79 -14.92
N HIS A 272 4.38 -30.17 -14.30
CA HIS A 272 5.10 -31.39 -14.65
C HIS A 272 4.67 -32.60 -13.84
N TYR A 273 3.62 -32.49 -13.03
CA TYR A 273 3.21 -33.57 -12.15
C TYR A 273 1.70 -33.64 -12.05
N ASP A 274 1.21 -34.87 -11.84
CA ASP A 274 -0.17 -35.11 -11.43
C ASP A 274 -0.22 -34.80 -9.94
N CYS A 275 -0.63 -33.60 -9.58
CA CYS A 275 -0.51 -33.15 -8.20
C CYS A 275 -1.72 -32.34 -7.78
N MET A 276 -1.86 -32.19 -6.46
CA MET A 276 -2.86 -31.34 -5.84
C MET A 276 -2.16 -30.22 -5.08
N THR A 277 -2.66 -28.98 -5.18
CA THR A 277 -2.06 -27.90 -4.40
C THR A 277 -3.16 -27.16 -3.64
N VAL A 278 -2.90 -26.88 -2.37
CA VAL A 278 -3.76 -26.00 -1.58
C VAL A 278 -2.88 -24.93 -0.97
N GLY A 279 -3.14 -23.67 -1.27
CA GLY A 279 -2.37 -22.59 -0.70
C GLY A 279 -3.00 -22.14 0.60
N GLU A 280 -2.18 -21.97 1.63
CA GLU A 280 -2.66 -21.33 2.86
C GLU A 280 -2.56 -19.82 2.61
N ALA A 281 -3.67 -19.23 2.20
CA ALA A 281 -3.66 -17.88 1.63
C ALA A 281 -4.05 -16.86 2.69
N ASN A 282 -3.08 -16.54 3.53
CA ASN A 282 -3.28 -15.47 4.48
C ASN A 282 -3.57 -14.18 3.74
N GLY A 283 -4.49 -13.39 4.27
CA GLY A 283 -4.87 -12.14 3.63
C GLY A 283 -5.80 -12.28 2.45
N SER A 284 -6.34 -13.47 2.19
CA SER A 284 -7.17 -13.67 0.99
C SER A 284 -8.61 -13.22 1.22
N ASP A 285 -9.14 -12.50 0.24
CA ASP A 285 -10.57 -12.32 0.09
C ASP A 285 -11.01 -13.02 -1.17
N ILE A 286 -12.29 -12.91 -1.50
CA ILE A 286 -12.81 -13.73 -2.58
C ILE A 286 -12.20 -13.33 -3.93
N GLU A 287 -11.89 -12.04 -4.12
CA GLU A 287 -11.22 -11.63 -5.36
C GLU A 287 -9.83 -12.24 -5.48
N GLU A 288 -9.07 -12.23 -4.39
CA GLU A 288 -7.75 -12.85 -4.43
C GLU A 288 -7.86 -14.35 -4.66
N ALA A 289 -8.91 -14.98 -4.10
CA ALA A 289 -9.09 -16.42 -4.28
C ALA A 289 -9.25 -16.79 -5.74
N LYS A 290 -9.94 -15.94 -6.53
CA LYS A 290 -10.05 -16.20 -7.95
C LYS A 290 -8.69 -16.14 -8.63
N LYS A 291 -7.84 -15.18 -8.23
CA LYS A 291 -6.50 -15.12 -8.80
C LYS A 291 -5.74 -16.41 -8.53
N TYR A 292 -5.88 -16.96 -7.32
CA TYR A 292 -5.15 -18.16 -6.94
C TYR A 292 -5.69 -19.40 -7.65
N THR A 293 -7.01 -19.51 -7.80
CA THR A 293 -7.65 -20.81 -8.06
C THR A 293 -8.33 -20.92 -9.42
N ASP A 294 -8.49 -19.82 -10.16
CA ASP A 294 -8.98 -19.91 -11.53
C ASP A 294 -8.05 -20.81 -12.33
N ALA A 295 -8.58 -21.92 -12.86
CA ALA A 295 -7.72 -22.86 -13.58
C ALA A 295 -7.03 -22.21 -14.75
N SER A 296 -7.69 -21.25 -15.41
CA SER A 296 -7.09 -20.59 -16.56
C SER A 296 -5.90 -19.72 -16.18
N ARG A 297 -5.71 -19.42 -14.88
CA ARG A 297 -4.56 -18.65 -14.44
C ARG A 297 -3.34 -19.51 -14.15
N GLN A 298 -3.52 -20.83 -14.10
CA GLN A 298 -2.44 -21.79 -13.90
C GLN A 298 -1.60 -21.43 -12.67
N GLU A 299 -2.29 -21.40 -11.52
CA GLU A 299 -1.66 -21.15 -10.24
C GLU A 299 -1.90 -22.36 -9.36
N LEU A 300 -2.84 -22.31 -8.43
CA LEU A 300 -3.10 -23.40 -7.49
C LEU A 300 -4.48 -23.96 -7.73
N ASN A 301 -4.76 -25.14 -7.13
CA ASN A 301 -6.08 -25.74 -7.29
C ASN A 301 -7.09 -25.15 -6.32
N MET A 302 -6.66 -24.73 -5.14
CA MET A 302 -7.56 -24.27 -4.09
C MET A 302 -6.74 -23.56 -3.03
N ILE A 303 -7.42 -22.77 -2.18
CA ILE A 303 -6.75 -22.10 -1.07
C ILE A 303 -7.58 -22.22 0.21
N PHE A 304 -6.88 -22.19 1.33
CA PHE A 304 -7.51 -21.90 2.63
C PHE A 304 -7.63 -20.39 2.76
N THR A 305 -8.83 -19.91 3.08
CA THR A 305 -8.97 -18.54 3.57
C THR A 305 -9.12 -18.53 5.08
N PHE A 306 -9.01 -17.33 5.65
CA PHE A 306 -9.22 -17.11 7.07
C PHE A 306 -10.48 -16.32 7.36
N GLU A 307 -11.24 -15.92 6.33
CA GLU A 307 -12.35 -15.00 6.57
C GLU A 307 -13.41 -15.62 7.47
N HIS A 308 -13.69 -16.92 7.31
CA HIS A 308 -14.66 -17.55 8.20
C HIS A 308 -14.08 -17.82 9.59
N MET A 309 -12.75 -17.88 9.72
CA MET A 309 -12.12 -18.00 11.03
C MET A 309 -12.01 -16.67 11.76
N ASP A 310 -12.13 -15.55 11.02
CA ASP A 310 -11.96 -14.21 11.55
C ASP A 310 -13.23 -13.63 12.17
N ILE A 311 -14.37 -14.31 12.03
CA ILE A 311 -15.64 -13.70 12.44
C ILE A 311 -15.74 -13.47 13.95
N ASP A 312 -14.89 -14.10 14.77
CA ASP A 312 -14.96 -13.94 16.21
C ASP A 312 -13.71 -13.25 16.77
N LYS A 313 -13.09 -12.39 16.00
CA LYS A 313 -12.16 -11.42 16.59
C LYS A 313 -12.61 -10.01 16.24
N GLU A 314 -12.30 -9.07 17.14
CA GLU A 314 -12.51 -7.67 16.81
C GLU A 314 -11.59 -7.25 15.67
N GLN A 315 -12.08 -6.36 14.81
CA GLN A 315 -11.41 -6.09 13.54
C GLN A 315 -9.99 -5.58 13.72
N ASN A 316 -9.79 -4.64 14.65
CA ASN A 316 -8.50 -3.94 14.67
C ASN A 316 -8.01 -3.70 16.09
N SER A 317 -8.15 -4.68 16.96
CA SER A 317 -7.70 -4.55 18.33
C SER A 317 -6.19 -4.81 18.43
N PRO A 318 -5.50 -4.13 19.35
CA PRO A 318 -4.09 -4.46 19.56
C PRO A 318 -3.90 -5.90 20.04
N ASN A 319 -4.94 -6.52 20.58
CA ASN A 319 -4.85 -7.90 21.05
C ASN A 319 -5.11 -8.91 19.94
N GLY A 320 -5.36 -8.45 18.72
CA GLY A 320 -5.49 -9.35 17.57
C GLY A 320 -6.49 -10.45 17.79
N LYS A 321 -6.08 -11.69 17.47
CA LYS A 321 -6.95 -12.85 17.61
C LYS A 321 -7.45 -13.07 19.03
N TRP A 322 -6.75 -12.53 20.04
CA TRP A 322 -7.14 -12.76 21.42
C TRP A 322 -8.25 -11.84 21.90
N GLN A 323 -8.67 -10.88 21.07
CA GLN A 323 -9.84 -10.05 21.36
C GLN A 323 -11.04 -10.74 20.74
N ILE A 324 -11.70 -11.56 21.52
CA ILE A 324 -12.68 -12.51 21.01
C ILE A 324 -14.07 -11.91 21.07
N LYS A 325 -14.85 -12.15 20.03
CA LYS A 325 -16.26 -11.81 20.03
C LYS A 325 -17.09 -13.09 20.11
N PRO A 326 -18.32 -13.03 20.63
CA PRO A 326 -19.16 -14.22 20.63
C PRO A 326 -19.43 -14.73 19.23
N PHE A 327 -19.65 -16.04 19.13
CA PHE A 327 -20.02 -16.65 17.86
C PHE A 327 -21.25 -15.96 17.28
N ASP A 328 -21.14 -15.52 16.03
CA ASP A 328 -22.18 -14.80 15.30
C ASP A 328 -22.51 -15.62 14.06
N LEU A 329 -23.62 -16.37 14.12
CA LEU A 329 -23.98 -17.25 13.00
C LEU A 329 -24.26 -16.45 11.73
N ILE A 330 -24.91 -15.29 11.85
CA ILE A 330 -25.15 -14.47 10.67
C ILE A 330 -23.84 -14.13 9.98
N ALA A 331 -22.81 -13.78 10.75
CA ALA A 331 -21.53 -13.50 10.11
C ALA A 331 -20.94 -14.74 9.47
N LEU A 332 -21.08 -15.91 10.10
CA LEU A 332 -20.57 -17.12 9.46
C LEU A 332 -21.30 -17.40 8.16
N LYS A 333 -22.63 -17.29 8.17
CA LYS A 333 -23.43 -17.57 7.00
C LYS A 333 -23.07 -16.62 5.86
N LYS A 334 -22.99 -15.32 6.16
CA LYS A 334 -22.65 -14.35 5.12
C LYS A 334 -21.28 -14.60 4.53
N THR A 335 -20.29 -14.89 5.39
CA THR A 335 -18.93 -15.12 4.91
C THR A 335 -18.82 -16.39 4.09
N MET A 336 -19.31 -17.52 4.62
CA MET A 336 -19.19 -18.75 3.86
C MET A 336 -19.98 -18.68 2.55
N THR A 337 -21.13 -17.99 2.57
CA THR A 337 -21.93 -17.83 1.37
C THR A 337 -21.19 -17.02 0.30
N ARG A 338 -20.45 -15.98 0.72
CA ARG A 338 -19.69 -15.20 -0.24
C ARG A 338 -18.65 -16.05 -0.96
N TRP A 339 -18.03 -16.98 -0.21
CA TRP A 339 -17.05 -17.87 -0.82
C TRP A 339 -17.71 -18.94 -1.69
N GLN A 340 -18.88 -19.47 -1.28
CA GLN A 340 -19.58 -20.43 -2.12
C GLN A 340 -20.06 -19.79 -3.43
N THR A 341 -20.58 -18.57 -3.37
CA THR A 341 -21.03 -17.94 -4.62
C THR A 341 -19.86 -17.42 -5.45
N GLY A 342 -18.84 -16.86 -4.78
CA GLY A 342 -17.70 -16.32 -5.49
C GLY A 342 -16.93 -17.35 -6.30
N LEU A 343 -16.80 -18.57 -5.77
CA LEU A 343 -16.10 -19.63 -6.47
C LEU A 343 -17.07 -20.72 -6.95
N MET A 344 -18.30 -20.33 -7.28
CA MET A 344 -19.30 -21.33 -7.63
C MET A 344 -19.04 -21.95 -8.99
N ASN A 345 -18.55 -21.14 -9.94
CA ASN A 345 -18.34 -21.62 -11.30
C ASN A 345 -16.95 -21.32 -11.82
N VAL A 346 -16.07 -20.77 -11.00
CA VAL A 346 -14.66 -20.65 -11.30
C VAL A 346 -13.91 -20.96 -10.01
N GLY A 347 -12.67 -21.45 -10.15
CA GLY A 347 -11.91 -21.79 -8.96
C GLY A 347 -12.51 -22.98 -8.22
N TRP A 348 -12.12 -23.09 -6.95
CA TRP A 348 -12.54 -24.21 -6.11
C TRP A 348 -12.31 -23.83 -4.65
N ASN A 349 -13.25 -24.22 -3.79
CA ASN A 349 -13.17 -23.95 -2.36
C ASN A 349 -12.49 -25.09 -1.60
N THR A 350 -11.82 -24.71 -0.52
CA THR A 350 -11.57 -25.63 0.59
C THR A 350 -12.65 -25.47 1.64
N LEU A 351 -12.91 -26.54 2.36
CA LEU A 351 -13.90 -26.55 3.44
C LEU A 351 -13.24 -27.03 4.72
N TYR A 352 -13.07 -26.13 5.68
CA TYR A 352 -12.50 -26.52 6.98
C TYR A 352 -13.04 -25.65 8.10
N PHE A 353 -13.15 -26.26 9.28
CA PHE A 353 -13.30 -25.55 10.53
C PHE A 353 -12.16 -25.81 11.51
N GLU A 354 -11.30 -26.80 11.25
CA GLU A 354 -10.25 -27.15 12.19
C GLU A 354 -8.95 -27.41 11.43
N ASN A 355 -7.85 -27.10 12.12
CA ASN A 355 -6.48 -27.45 11.74
C ASN A 355 -5.61 -27.29 12.99
N HIS A 356 -4.29 -27.42 12.82
CA HIS A 356 -3.36 -27.31 13.94
C HIS A 356 -3.18 -25.88 14.45
N ASP A 357 -3.84 -24.91 13.82
CA ASP A 357 -3.81 -23.51 14.25
C ASP A 357 -5.11 -23.05 14.88
N GLN A 358 -6.15 -23.88 14.87
CA GLN A 358 -7.46 -23.47 15.33
C GLN A 358 -7.92 -24.31 16.51
N PRO A 359 -8.70 -23.76 17.41
CA PRO A 359 -9.28 -24.56 18.49
C PRO A 359 -10.30 -25.54 17.94
N ARG A 360 -10.74 -26.45 18.80
CA ARG A 360 -11.80 -27.36 18.41
C ARG A 360 -13.10 -26.59 18.23
N VAL A 361 -13.75 -26.75 17.08
CA VAL A 361 -14.84 -25.82 16.74
C VAL A 361 -16.02 -25.97 17.69
N ILE A 362 -16.27 -27.18 18.18
CA ILE A 362 -17.40 -27.39 19.07
C ILE A 362 -17.18 -26.71 20.41
N SER A 363 -15.92 -26.60 20.86
CA SER A 363 -15.63 -25.84 22.08
C SER A 363 -15.68 -24.35 21.83
N ARG A 364 -15.19 -23.92 20.67
CA ARG A 364 -15.07 -22.51 20.35
C ARG A 364 -16.43 -21.87 20.13
N TRP A 365 -17.30 -22.56 19.39
CA TRP A 365 -18.54 -21.96 18.89
C TRP A 365 -19.80 -22.72 19.29
N GLY A 366 -19.69 -23.86 19.96
CA GLY A 366 -20.86 -24.66 20.22
C GLY A 366 -20.91 -25.19 21.63
N ASN A 367 -21.47 -26.37 21.78
CA ASN A 367 -21.60 -27.07 23.05
C ASN A 367 -20.70 -28.30 23.00
N ASP A 368 -19.79 -28.42 23.98
CA ASP A 368 -18.90 -29.57 24.00
C ASP A 368 -19.15 -30.44 25.21
N ARG A 369 -20.36 -30.39 25.76
CA ARG A 369 -20.72 -31.19 26.91
C ARG A 369 -21.92 -32.07 26.58
N LYS A 370 -23.11 -31.73 27.10
CA LYS A 370 -24.26 -32.64 26.95
C LYS A 370 -24.69 -32.80 25.50
N LEU A 371 -24.43 -31.78 24.67
CA LEU A 371 -24.81 -31.81 23.26
C LEU A 371 -23.60 -31.94 22.34
N ARG A 372 -22.48 -32.45 22.87
CA ARG A 372 -21.24 -32.49 22.10
C ARG A 372 -21.40 -33.29 20.81
N LYS A 373 -22.02 -34.47 20.88
CA LYS A 373 -22.15 -35.28 19.67
C LYS A 373 -23.05 -34.60 18.64
N GLU A 374 -24.21 -34.09 19.09
CA GLU A 374 -25.10 -33.40 18.15
C GLU A 374 -24.40 -32.20 17.53
N CYS A 375 -23.67 -31.43 18.36
CA CYS A 375 -22.99 -30.23 17.90
C CYS A 375 -21.90 -30.56 16.91
N ALA A 376 -21.07 -31.56 17.22
CA ALA A 376 -20.01 -31.94 16.30
C ALA A 376 -20.58 -32.37 14.96
N LYS A 377 -21.68 -33.12 14.99
CA LYS A 377 -22.29 -33.56 13.74
C LYS A 377 -22.94 -32.40 13.00
N ALA A 378 -23.46 -31.40 13.73
CA ALA A 378 -24.07 -30.24 13.10
C ALA A 378 -23.04 -29.44 12.30
N PHE A 379 -21.89 -29.11 12.93
CA PHE A 379 -20.88 -28.37 12.19
C PHE A 379 -20.36 -29.18 11.01
N ALA A 380 -20.23 -30.50 11.18
CA ALA A 380 -19.78 -31.34 10.07
C ALA A 380 -20.77 -31.29 8.89
N THR A 381 -22.06 -31.27 9.19
CA THR A 381 -23.06 -31.26 8.13
C THR A 381 -23.05 -29.94 7.37
N VAL A 382 -22.93 -28.81 8.09
CA VAL A 382 -22.82 -27.50 7.44
C VAL A 382 -21.67 -27.51 6.44
N LEU A 383 -20.52 -28.02 6.86
CA LEU A 383 -19.33 -27.96 6.04
C LEU A 383 -19.40 -28.94 4.86
N HIS A 384 -19.70 -30.20 5.13
CA HIS A 384 -19.63 -31.23 4.10
C HIS A 384 -20.77 -31.15 3.09
N GLY A 385 -21.83 -30.39 3.37
CA GLY A 385 -22.84 -30.22 2.35
C GLY A 385 -22.54 -29.12 1.35
N MET A 386 -21.41 -28.42 1.47
CA MET A 386 -21.05 -27.32 0.58
C MET A 386 -20.19 -27.83 -0.57
N LYS A 387 -19.98 -26.95 -1.55
CA LYS A 387 -19.11 -27.25 -2.68
C LYS A 387 -17.65 -26.97 -2.31
N GLY A 388 -16.77 -27.92 -2.60
CA GLY A 388 -15.36 -27.76 -2.30
C GLY A 388 -14.75 -29.06 -1.81
N THR A 389 -13.49 -28.98 -1.40
CA THR A 389 -12.79 -30.15 -0.90
C THR A 389 -12.80 -30.12 0.62
N PRO A 390 -13.43 -31.07 1.30
CA PRO A 390 -13.45 -31.01 2.77
C PRO A 390 -12.12 -31.45 3.37
N PHE A 391 -11.76 -30.79 4.47
CA PHE A 391 -10.59 -31.14 5.28
C PHE A 391 -11.07 -31.55 6.67
N ILE A 392 -10.68 -32.74 7.11
CA ILE A 392 -10.95 -33.26 8.45
C ILE A 392 -9.65 -33.20 9.23
N TYR A 393 -9.64 -32.45 10.34
CA TYR A 393 -8.44 -32.38 11.18
C TYR A 393 -8.45 -33.53 12.19
N GLN A 394 -7.28 -34.11 12.45
CA GLN A 394 -7.21 -35.27 13.35
C GLN A 394 -7.95 -35.00 14.66
N GLY A 395 -8.86 -35.91 15.00
CA GLY A 395 -9.67 -35.79 16.20
C GLY A 395 -11.00 -35.06 16.00
N GLU A 396 -11.13 -34.27 14.94
CA GLU A 396 -12.42 -33.66 14.64
C GLU A 396 -13.49 -34.73 14.50
N GLU A 397 -13.13 -35.86 13.87
CA GLU A 397 -14.08 -36.90 13.56
C GLU A 397 -14.52 -37.69 14.80
N ILE A 398 -13.87 -37.50 15.96
CA ILE A 398 -14.38 -38.08 17.20
C ILE A 398 -14.85 -37.01 18.18
N GLY A 399 -14.87 -35.75 17.75
CA GLY A 399 -15.34 -34.70 18.63
C GLY A 399 -14.36 -34.35 19.73
N MET A 400 -13.08 -34.28 19.42
CA MET A 400 -12.15 -33.78 20.43
C MET A 400 -12.47 -32.33 20.77
N VAL A 401 -12.08 -31.94 21.99
CA VAL A 401 -12.49 -30.68 22.61
C VAL A 401 -11.27 -29.92 23.11
N ASN A 402 -11.49 -28.65 23.45
CA ASN A 402 -10.44 -27.84 24.06
C ASN A 402 -10.05 -28.40 25.43
N SER A 403 -8.84 -28.06 25.86
CA SER A 403 -8.25 -28.56 27.08
C SER A 403 -8.39 -27.57 28.23
N ASP A 404 -8.56 -28.12 29.44
CA ASP A 404 -8.57 -27.33 30.67
C ASP A 404 -7.19 -27.19 31.32
N MET A 405 -6.12 -27.54 30.62
CA MET A 405 -4.80 -27.50 31.23
C MET A 405 -4.41 -26.08 31.63
N PRO A 406 -3.60 -25.94 32.67
CA PRO A 406 -3.19 -24.60 33.11
C PRO A 406 -2.27 -23.96 32.07
N LEU A 407 -2.20 -22.63 32.13
CA LEU A 407 -1.41 -21.87 31.17
C LEU A 407 0.03 -22.35 31.08
N GLU A 408 0.62 -22.78 32.20
CA GLU A 408 2.02 -23.18 32.17
C GLU A 408 2.27 -24.48 31.41
N MET A 409 1.21 -25.23 31.09
CA MET A 409 1.36 -26.45 30.29
C MET A 409 1.24 -26.21 28.78
N TYR A 410 0.82 -25.02 28.37
CA TYR A 410 0.82 -24.71 26.94
C TYR A 410 2.26 -24.69 26.41
N ASP A 411 2.41 -25.06 25.14
CA ASP A 411 3.72 -25.14 24.49
C ASP A 411 3.98 -24.01 23.50
N ASP A 412 2.94 -23.57 22.80
CA ASP A 412 3.06 -22.71 21.62
C ASP A 412 3.78 -21.40 21.91
N LEU A 413 4.81 -21.09 21.10
CA LEU A 413 5.51 -19.82 21.27
C LEU A 413 4.58 -18.62 21.09
N GLU A 414 3.52 -18.78 20.30
CA GLU A 414 2.57 -17.69 20.13
C GLU A 414 2.00 -17.24 21.47
N ILE A 415 1.75 -18.17 22.38
CA ILE A 415 1.15 -17.79 23.67
C ILE A 415 2.16 -17.08 24.56
N LYS A 416 3.36 -17.64 24.69
CA LYS A 416 4.37 -17.02 25.52
C LYS A 416 4.65 -15.59 25.06
N ASN A 417 4.74 -15.39 23.74
CA ASN A 417 5.06 -14.07 23.22
C ASN A 417 3.91 -13.10 23.39
N ALA A 418 2.67 -13.57 23.19
CA ALA A 418 1.53 -12.69 23.38
C ALA A 418 1.33 -12.35 24.85
N TYR A 419 1.56 -13.31 25.74
CA TYR A 419 1.53 -12.99 27.16
C TYR A 419 2.48 -11.85 27.48
N ARG A 420 3.72 -11.94 26.97
CA ARG A 420 4.71 -10.90 27.25
C ARG A 420 4.25 -9.55 26.72
N GLU A 421 3.76 -9.52 25.48
CA GLU A 421 3.40 -8.23 24.88
C GLU A 421 2.10 -7.70 25.46
N LEU A 422 1.06 -8.51 25.46
CA LEU A 422 -0.27 -7.99 25.79
C LEU A 422 -0.50 -7.87 27.30
N VAL A 423 -0.04 -8.85 28.08
CA VAL A 423 -0.30 -8.82 29.51
C VAL A 423 0.78 -8.06 30.27
N VAL A 424 2.05 -8.30 29.97
CA VAL A 424 3.11 -7.76 30.82
C VAL A 424 3.51 -6.36 30.37
N GLU A 425 3.90 -6.23 29.10
CA GLU A 425 4.46 -4.97 28.60
C GLU A 425 3.38 -3.91 28.39
N ASN A 426 2.41 -4.19 27.52
CA ASN A 426 1.45 -3.16 27.13
C ASN A 426 0.20 -3.13 28.00
N LYS A 427 -0.08 -4.22 28.71
CA LYS A 427 -1.24 -4.33 29.59
C LYS A 427 -2.55 -4.00 28.86
N THR A 428 -2.65 -4.41 27.60
CA THR A 428 -3.92 -4.28 26.89
C THR A 428 -4.88 -5.42 27.17
N MET A 429 -4.44 -6.47 27.87
CA MET A 429 -5.30 -7.51 28.41
C MET A 429 -4.89 -7.78 29.85
N SER A 430 -5.87 -7.99 30.71
CA SER A 430 -5.55 -8.53 32.04
C SER A 430 -5.09 -9.97 31.89
N GLU A 431 -4.37 -10.45 32.91
CA GLU A 431 -4.01 -11.86 32.95
C GLU A 431 -5.25 -12.74 32.82
N LYS A 432 -6.30 -12.43 33.58
CA LYS A 432 -7.50 -13.26 33.58
C LYS A 432 -8.17 -13.29 32.21
N GLU A 433 -8.26 -12.14 31.53
CA GLU A 433 -8.89 -12.15 30.22
C GLU A 433 -8.02 -12.86 29.18
N PHE A 434 -6.69 -12.73 29.29
CA PHE A 434 -5.80 -13.45 28.39
C PHE A 434 -5.96 -14.95 28.55
N VAL A 435 -5.95 -15.44 29.80
CA VAL A 435 -6.15 -16.86 30.05
C VAL A 435 -7.49 -17.32 29.46
N LYS A 436 -8.54 -16.54 29.67
CA LYS A 436 -9.84 -16.90 29.10
C LYS A 436 -9.77 -17.00 27.59
N ALA A 437 -9.07 -16.06 26.93
CA ALA A 437 -8.99 -16.07 25.48
C ALA A 437 -8.17 -17.25 24.98
N VAL A 438 -7.09 -17.58 25.69
CA VAL A 438 -6.24 -18.70 25.31
C VAL A 438 -7.00 -20.02 25.49
N MET A 439 -7.86 -20.10 26.51
CA MET A 439 -8.67 -21.30 26.70
C MET A 439 -9.68 -21.51 25.58
N ILE A 440 -10.01 -20.46 24.83
CA ILE A 440 -10.92 -20.57 23.70
C ILE A 440 -10.16 -20.79 22.39
N LYS A 441 -9.06 -20.05 22.17
CA LYS A 441 -8.45 -19.99 20.85
C LYS A 441 -7.02 -20.50 20.73
N GLY A 442 -6.40 -20.92 21.83
CA GLY A 442 -5.00 -21.33 21.74
C GLY A 442 -4.81 -22.45 20.74
N ARG A 443 -3.72 -22.35 19.97
CA ARG A 443 -3.46 -23.39 18.97
C ARG A 443 -3.23 -24.75 19.63
N ASP A 444 -2.75 -24.77 20.88
CA ASP A 444 -2.50 -26.08 21.51
C ASP A 444 -3.75 -26.91 21.76
N HIS A 445 -4.95 -26.32 21.65
CA HIS A 445 -6.14 -27.15 21.77
C HIS A 445 -6.29 -28.09 20.60
N ALA A 446 -5.56 -27.84 19.51
CA ALA A 446 -5.49 -28.73 18.37
C ALA A 446 -4.34 -29.71 18.47
N ARG A 447 -3.44 -29.53 19.42
CA ARG A 447 -2.14 -30.19 19.41
C ARG A 447 -1.97 -31.18 20.56
N THR A 448 -2.93 -31.26 21.48
CA THR A 448 -2.84 -32.32 22.47
C THR A 448 -2.99 -33.67 21.76
N PRO A 449 -2.42 -34.74 22.34
CA PRO A 449 -2.38 -36.02 21.62
C PRO A 449 -3.74 -36.54 21.16
N MET A 450 -3.75 -37.08 19.95
CA MET A 450 -4.89 -37.82 19.44
C MET A 450 -5.33 -38.89 20.43
N GLN A 451 -6.63 -39.04 20.60
CA GLN A 451 -7.18 -39.84 21.69
C GLN A 451 -7.67 -41.17 21.11
N TRP A 452 -6.85 -42.22 21.29
CA TRP A 452 -7.11 -43.51 20.66
C TRP A 452 -7.94 -44.45 21.52
N ASP A 453 -7.78 -44.40 22.84
CA ASP A 453 -8.55 -45.27 23.73
C ASP A 453 -8.55 -44.63 25.12
N ALA A 454 -9.06 -45.35 26.11
CA ALA A 454 -9.19 -44.80 27.46
C ALA A 454 -8.09 -45.29 28.38
N GLY A 455 -7.06 -45.92 27.81
CA GLY A 455 -5.90 -46.32 28.57
C GLY A 455 -4.98 -45.15 28.83
N LYS A 456 -3.81 -45.49 29.37
CA LYS A 456 -2.81 -44.48 29.70
C LYS A 456 -2.51 -43.57 28.52
N HIS A 457 -2.55 -42.27 28.77
CA HIS A 457 -2.26 -41.25 27.76
C HIS A 457 -3.13 -41.43 26.52
N ALA A 458 -4.35 -41.94 26.74
CA ALA A 458 -5.34 -42.18 25.69
C ALA A 458 -4.78 -43.08 24.60
N GLY A 459 -3.78 -43.90 24.95
CA GLY A 459 -3.19 -44.79 23.98
C GLY A 459 -2.34 -44.13 22.93
N PHE A 460 -2.04 -42.84 23.09
CA PHE A 460 -1.17 -42.14 22.15
C PHE A 460 0.28 -42.61 22.29
N THR A 461 0.70 -42.94 23.50
CA THR A 461 2.10 -43.24 23.75
C THR A 461 2.21 -44.18 24.93
N ALA A 462 3.27 -44.97 24.92
CA ALA A 462 3.65 -45.74 26.10
C ALA A 462 4.53 -44.96 27.05
N GLY A 463 5.04 -43.81 26.61
CA GLY A 463 5.93 -42.95 27.36
C GLY A 463 5.21 -41.77 27.97
N ASP A 464 5.89 -40.64 28.02
CA ASP A 464 5.34 -39.41 28.57
C ASP A 464 5.06 -38.46 27.42
N PRO A 465 3.82 -38.11 27.14
CA PRO A 465 3.51 -37.30 25.95
C PRO A 465 4.19 -35.94 26.01
N TRP A 466 4.57 -35.44 24.83
CA TRP A 466 5.29 -34.17 24.76
C TRP A 466 4.46 -33.00 25.28
N ILE A 467 3.14 -33.13 25.26
CA ILE A 467 2.19 -32.17 25.83
C ILE A 467 1.04 -32.95 26.43
N PRO A 468 0.41 -32.47 27.50
CA PRO A 468 -0.54 -33.33 28.23
C PRO A 468 -1.73 -33.76 27.38
N VAL A 469 -2.17 -35.00 27.58
CA VAL A 469 -3.43 -35.46 27.00
C VAL A 469 -4.58 -34.70 27.63
N ASN A 470 -5.55 -34.33 26.80
CA ASN A 470 -6.76 -33.69 27.31
C ASN A 470 -7.38 -34.56 28.41
N SER A 471 -7.75 -33.92 29.52
CA SER A 471 -8.25 -34.62 30.69
C SER A 471 -9.53 -35.40 30.45
N ARG A 472 -10.23 -35.14 29.34
CA ARG A 472 -11.51 -35.78 29.06
C ARG A 472 -11.37 -37.00 28.17
N TYR A 473 -10.15 -37.51 27.98
CA TYR A 473 -9.90 -38.56 27.00
C TYR A 473 -10.61 -39.87 27.32
N GLN A 474 -10.91 -40.16 28.61
CA GLN A 474 -11.56 -41.44 28.89
C GLN A 474 -12.96 -41.51 28.29
N ASP A 475 -13.58 -40.37 28.02
CA ASP A 475 -14.92 -40.30 27.47
C ASP A 475 -14.96 -40.05 25.97
N ILE A 476 -13.83 -39.65 25.38
CA ILE A 476 -13.75 -39.20 23.98
C ILE A 476 -12.53 -39.87 23.36
N ASN A 477 -12.74 -40.90 22.55
CA ASN A 477 -11.58 -41.57 21.99
C ASN A 477 -12.02 -42.50 20.87
N VAL A 478 -11.05 -42.91 20.06
CA VAL A 478 -11.38 -43.70 18.86
C VAL A 478 -12.05 -45.02 19.25
N LYS A 479 -11.55 -45.69 20.29
CA LYS A 479 -12.11 -47.00 20.67
C LYS A 479 -13.59 -46.90 21.00
N GLU A 480 -13.98 -45.94 21.86
CA GLU A 480 -15.40 -45.82 22.17
C GLU A 480 -16.21 -45.38 20.95
N SER A 481 -15.60 -44.57 20.07
CA SER A 481 -16.30 -44.13 18.88
C SER A 481 -16.63 -45.30 17.95
N LEU A 482 -15.67 -46.21 17.77
CA LEU A 482 -15.91 -47.35 16.89
C LEU A 482 -16.89 -48.35 17.49
N GLU A 483 -17.06 -48.33 18.81
CA GLU A 483 -18.01 -49.21 19.48
C GLU A 483 -19.41 -48.62 19.59
N ASP A 484 -19.62 -47.37 19.15
CA ASP A 484 -20.87 -46.66 19.33
C ASP A 484 -21.43 -46.34 17.94
N GLN A 485 -22.54 -47.01 17.56
CA GLN A 485 -23.06 -46.77 16.22
C GLN A 485 -23.54 -45.33 16.06
N ASP A 486 -23.81 -44.63 17.17
CA ASP A 486 -24.23 -43.22 17.14
C ASP A 486 -23.03 -42.27 17.26
N SER A 487 -21.82 -42.75 17.02
CA SER A 487 -20.67 -41.88 17.25
C SER A 487 -20.56 -40.80 16.18
N ILE A 488 -19.85 -39.74 16.55
CA ILE A 488 -19.45 -38.72 15.58
C ILE A 488 -18.65 -39.36 14.45
N PHE A 489 -17.80 -40.32 14.80
CA PHE A 489 -16.96 -40.98 13.80
C PHE A 489 -17.81 -41.57 12.68
N PHE A 490 -18.85 -42.33 13.03
CA PHE A 490 -19.64 -42.95 11.97
C PHE A 490 -20.43 -41.92 11.19
N TYR A 491 -20.74 -40.78 11.81
CA TYR A 491 -21.40 -39.70 11.08
C TYR A 491 -20.48 -39.12 10.01
N TYR A 492 -19.22 -38.87 10.39
CA TYR A 492 -18.23 -38.43 9.40
C TYR A 492 -18.05 -39.48 8.32
N GLN A 493 -17.93 -40.76 8.71
CA GLN A 493 -17.77 -41.81 7.72
C GLN A 493 -18.92 -41.80 6.72
N LYS A 494 -20.13 -41.56 7.21
CA LYS A 494 -21.29 -41.52 6.32
C LYS A 494 -21.29 -40.29 5.42
N LEU A 495 -20.93 -39.12 5.95
CA LEU A 495 -20.82 -37.93 5.10
C LEU A 495 -19.86 -38.16 3.95
N ILE A 496 -18.74 -38.85 4.20
CA ILE A 496 -17.77 -39.12 3.14
C ILE A 496 -18.35 -40.10 2.13
N GLN A 497 -19.02 -41.16 2.62
CA GLN A 497 -19.70 -42.09 1.72
C GLN A 497 -20.71 -41.37 0.84
N LEU A 498 -21.48 -40.45 1.42
CA LEU A 498 -22.50 -39.76 0.64
C LEU A 498 -21.87 -38.92 -0.46
N ARG A 499 -20.74 -38.28 -0.16
CA ARG A 499 -20.07 -37.45 -1.17
C ARG A 499 -19.62 -38.30 -2.35
N LYS A 500 -19.18 -39.53 -2.10
CA LYS A 500 -18.81 -40.43 -3.19
C LYS A 500 -20.02 -40.97 -3.93
N GLN A 501 -21.20 -40.99 -3.32
CA GLN A 501 -22.38 -41.59 -3.95
C GLN A 501 -23.22 -40.58 -4.72
N TYR A 502 -23.30 -39.35 -4.24
CA TYR A 502 -24.21 -38.33 -4.76
C TYR A 502 -23.41 -37.21 -5.40
N LYS A 503 -23.36 -37.22 -6.73
CA LYS A 503 -22.57 -36.25 -7.47
C LYS A 503 -22.99 -34.81 -7.17
N ILE A 504 -24.27 -34.60 -6.79
CA ILE A 504 -24.72 -33.25 -6.46
C ILE A 504 -23.87 -32.65 -5.34
N MET A 505 -23.33 -33.47 -4.43
CA MET A 505 -22.55 -32.92 -3.32
C MET A 505 -21.24 -32.31 -3.81
N ILE A 506 -20.67 -32.84 -4.88
CA ILE A 506 -19.43 -32.31 -5.42
C ILE A 506 -19.69 -31.16 -6.40
N TYR A 507 -20.69 -31.29 -7.27
CA TYR A 507 -20.82 -30.41 -8.43
C TYR A 507 -22.04 -29.49 -8.40
N GLY A 508 -22.94 -29.63 -7.42
CA GLY A 508 -24.09 -28.75 -7.35
C GLY A 508 -23.73 -27.31 -7.04
N ASP A 509 -24.61 -26.38 -7.42
CA ASP A 509 -24.41 -24.97 -7.11
C ASP A 509 -24.80 -24.71 -5.66
N TYR A 510 -24.95 -23.44 -5.28
CA TYR A 510 -25.19 -23.10 -3.87
C TYR A 510 -26.08 -21.86 -3.77
N GLN A 511 -27.06 -21.93 -2.87
CA GLN A 511 -27.94 -20.80 -2.58
C GLN A 511 -28.23 -20.79 -1.08
N LEU A 512 -27.90 -19.69 -0.40
CA LEU A 512 -28.29 -19.51 0.99
C LEU A 512 -29.80 -19.32 1.12
N LEU A 513 -30.39 -19.99 2.11
CA LEU A 513 -31.77 -19.79 2.53
C LEU A 513 -31.80 -19.16 3.92
N GLN A 514 -32.97 -18.66 4.32
CA GLN A 514 -33.20 -18.08 5.65
C GLN A 514 -32.01 -17.22 6.10
N GLU A 515 -31.65 -16.23 5.27
CA GLU A 515 -30.36 -15.56 5.40
C GLU A 515 -30.16 -14.90 6.75
N ASN A 516 -31.20 -14.29 7.31
CA ASN A 516 -31.04 -13.54 8.55
C ASN A 516 -31.51 -14.30 9.79
N ASP A 517 -31.74 -15.61 9.68
CA ASP A 517 -32.08 -16.41 10.86
C ASP A 517 -30.85 -16.53 11.77
N PRO A 518 -30.96 -16.17 13.05
CA PRO A 518 -29.77 -16.21 13.93
C PRO A 518 -29.43 -17.59 14.46
N GLN A 519 -30.28 -18.59 14.22
CA GLN A 519 -30.03 -19.95 14.68
C GLN A 519 -29.76 -20.95 13.57
N VAL A 520 -30.44 -20.82 12.43
CA VAL A 520 -30.50 -21.88 11.43
C VAL A 520 -29.63 -21.49 10.24
N PHE A 521 -28.74 -22.41 9.86
CA PHE A 521 -27.90 -22.31 8.66
C PHE A 521 -28.49 -23.32 7.69
N SER A 522 -29.20 -22.81 6.69
CA SER A 522 -29.85 -23.65 5.70
C SER A 522 -29.48 -23.18 4.30
N TYR A 523 -29.25 -24.13 3.40
CA TYR A 523 -28.91 -23.80 2.02
C TYR A 523 -29.32 -24.93 1.09
N LEU A 524 -29.27 -24.62 -0.22
CA LEU A 524 -29.72 -25.52 -1.27
C LEU A 524 -28.61 -25.70 -2.29
N ARG A 525 -28.35 -26.95 -2.65
CA ARG A 525 -27.50 -27.28 -3.79
C ARG A 525 -28.40 -27.78 -4.92
N GLU A 526 -28.06 -27.42 -6.17
CA GLU A 526 -28.85 -27.90 -7.30
C GLU A 526 -27.92 -28.47 -8.37
N TYR A 527 -28.32 -29.61 -8.94
CA TYR A 527 -27.50 -30.26 -9.97
C TYR A 527 -28.38 -31.15 -10.82
N ARG A 528 -28.51 -30.78 -12.10
CA ARG A 528 -29.17 -31.63 -13.11
C ARG A 528 -30.57 -32.05 -12.66
N GLY A 529 -31.34 -31.07 -12.19
CA GLY A 529 -32.71 -31.30 -11.76
C GLY A 529 -32.86 -31.87 -10.38
N GLU A 530 -31.77 -32.22 -9.72
CA GLU A 530 -31.80 -32.68 -8.34
C GLU A 530 -31.58 -31.52 -7.40
N LYS A 531 -32.10 -31.63 -6.17
CA LYS A 531 -31.90 -30.63 -5.14
C LYS A 531 -31.41 -31.30 -3.86
N LEU A 532 -30.41 -30.69 -3.23
CA LEU A 532 -29.91 -31.10 -1.93
C LEU A 532 -30.21 -29.99 -0.93
N LEU A 533 -30.99 -30.30 0.09
CA LEU A 533 -31.36 -29.33 1.12
C LEU A 533 -30.59 -29.65 2.39
N VAL A 534 -29.86 -28.67 2.90
CA VAL A 534 -29.12 -28.77 4.16
C VAL A 534 -29.74 -27.78 5.14
N VAL A 535 -30.15 -28.28 6.30
CA VAL A 535 -30.77 -27.46 7.36
C VAL A 535 -30.08 -27.80 8.67
N VAL A 536 -29.40 -26.83 9.26
CA VAL A 536 -28.66 -27.08 10.50
C VAL A 536 -28.95 -25.98 11.51
N ASN A 537 -29.42 -26.38 12.69
CA ASN A 537 -29.59 -25.50 13.84
C ASN A 537 -28.24 -25.41 14.55
N LEU A 538 -27.51 -24.31 14.35
CA LEU A 538 -26.25 -24.12 15.06
C LEU A 538 -26.47 -23.30 16.33
N SER A 539 -27.39 -23.80 17.16
CA SER A 539 -27.66 -23.19 18.45
C SER A 539 -28.12 -24.30 19.40
N GLU A 540 -28.05 -23.98 20.69
CA GLU A 540 -28.50 -24.90 21.74
C GLU A 540 -30.01 -24.86 21.99
N GLU A 541 -30.74 -24.03 21.27
CA GLU A 541 -32.15 -23.81 21.56
C GLU A 541 -33.00 -24.27 20.38
N LYS A 542 -34.27 -24.59 20.67
CA LYS A 542 -35.20 -24.94 19.61
C LYS A 542 -35.24 -23.86 18.53
N ALA A 543 -35.37 -24.29 17.29
CA ALA A 543 -35.43 -23.37 16.15
C ALA A 543 -36.45 -23.88 15.15
N LEU A 544 -36.72 -23.08 14.12
CA LEU A 544 -37.73 -23.41 13.13
C LEU A 544 -37.19 -23.18 11.75
N PHE A 545 -37.23 -24.21 10.90
CA PHE A 545 -36.92 -24.06 9.49
C PHE A 545 -38.23 -24.08 8.70
N GLU A 546 -38.41 -23.11 7.82
CA GLU A 546 -39.54 -23.11 6.91
C GLU A 546 -39.00 -23.02 5.49
N ALA A 547 -39.34 -24.01 4.66
CA ALA A 547 -38.86 -24.04 3.30
C ALA A 547 -39.39 -22.81 2.55
N PRO A 548 -38.61 -22.28 1.63
CA PRO A 548 -39.13 -21.22 0.77
C PRO A 548 -40.34 -21.72 0.01
N PRO A 549 -41.29 -20.83 -0.29
CA PRO A 549 -42.62 -21.30 -0.75
C PRO A 549 -42.57 -22.15 -1.99
N GLU A 550 -41.59 -21.92 -2.87
CA GLU A 550 -41.53 -22.73 -4.08
C GLU A 550 -41.01 -24.14 -3.81
N LEU A 551 -40.47 -24.41 -2.62
CA LEU A 551 -39.99 -25.75 -2.26
C LEU A 551 -40.95 -26.54 -1.39
N ILE A 552 -42.11 -25.98 -1.02
CA ILE A 552 -42.87 -26.65 0.03
C ILE A 552 -43.47 -27.97 -0.44
N HIS A 553 -43.71 -28.15 -1.73
CA HIS A 553 -44.32 -29.37 -2.22
C HIS A 553 -43.31 -30.37 -2.78
N GLU A 554 -42.02 -30.16 -2.54
CA GLU A 554 -41.04 -31.18 -2.90
C GLU A 554 -41.20 -32.38 -1.97
N ARG A 555 -40.86 -33.55 -2.48
CA ARG A 555 -40.68 -34.73 -1.66
C ARG A 555 -39.18 -35.01 -1.53
N TRP A 556 -38.78 -35.45 -0.34
CA TRP A 556 -37.37 -35.59 0.01
C TRP A 556 -37.07 -36.97 0.55
N LYS A 557 -35.84 -37.40 0.31
CA LYS A 557 -35.25 -38.54 1.01
C LYS A 557 -34.18 -38.01 1.94
N VAL A 558 -34.31 -38.28 3.24
CA VAL A 558 -33.30 -37.81 4.19
C VAL A 558 -32.06 -38.69 4.00
N LEU A 559 -30.94 -38.05 3.64
CA LEU A 559 -29.68 -38.77 3.47
C LEU A 559 -28.93 -38.95 4.78
N ILE A 560 -28.99 -37.96 5.66
CA ILE A 560 -28.30 -38.04 6.94
C ILE A 560 -28.92 -37.02 7.87
N SER A 561 -28.96 -37.37 9.16
CA SER A 561 -29.37 -36.46 10.22
C SER A 561 -28.76 -36.94 11.52
N ASN A 562 -28.46 -36.00 12.41
CA ASN A 562 -27.93 -36.36 13.73
C ASN A 562 -29.04 -36.68 14.72
N TYR A 563 -30.28 -36.74 14.27
CA TYR A 563 -31.42 -37.26 15.00
C TYR A 563 -32.17 -38.20 14.07
N PRO A 564 -32.98 -39.11 14.62
CA PRO A 564 -33.78 -39.97 13.74
C PRO A 564 -34.79 -39.17 12.94
N GLN A 565 -35.02 -39.60 11.69
CA GLN A 565 -36.02 -38.96 10.86
C GLN A 565 -36.86 -40.01 10.16
N GLU A 566 -38.17 -39.75 10.09
CA GLU A 566 -39.12 -40.57 9.31
C GLU A 566 -40.13 -39.62 8.67
N ARG A 567 -39.70 -38.98 7.59
CA ARG A 567 -40.54 -37.98 6.92
C ARG A 567 -40.02 -37.75 5.51
N ALA A 568 -40.94 -37.48 4.57
CA ALA A 568 -40.58 -37.13 3.22
C ALA A 568 -40.88 -35.67 2.91
N ASP A 569 -41.61 -34.98 3.78
CA ASP A 569 -41.95 -33.58 3.60
C ASP A 569 -41.07 -32.75 4.54
N LEU A 570 -40.42 -31.73 4.00
CA LEU A 570 -39.57 -30.86 4.78
C LEU A 570 -40.03 -29.41 4.66
N LYS A 571 -41.35 -29.19 4.53
CA LYS A 571 -41.78 -27.82 4.33
C LYS A 571 -41.62 -26.98 5.60
N SER A 572 -41.66 -27.60 6.76
CA SER A 572 -41.28 -26.92 7.99
C SER A 572 -40.72 -27.96 8.95
N ILE A 573 -39.58 -27.65 9.55
CA ILE A 573 -38.95 -28.56 10.51
C ILE A 573 -38.81 -27.82 11.83
N SER A 574 -39.42 -28.36 12.87
CA SER A 574 -39.17 -27.86 14.22
CA SER A 574 -39.17 -27.87 14.23
C SER A 574 -37.88 -28.51 14.71
N LEU A 575 -36.82 -27.71 14.79
CA LEU A 575 -35.46 -28.21 15.00
C LEU A 575 -35.12 -28.26 16.48
N LYS A 576 -34.63 -29.40 16.92
CA LYS A 576 -34.12 -29.58 18.27
C LYS A 576 -32.72 -28.97 18.37
N PRO A 577 -32.16 -28.84 19.57
CA PRO A 577 -30.80 -28.27 19.68
C PRO A 577 -29.78 -28.98 18.79
N TYR A 578 -29.07 -28.19 18.00
CA TYR A 578 -28.02 -28.66 17.09
C TYR A 578 -28.52 -29.68 16.06
N GLU A 579 -29.81 -29.68 15.74
CA GLU A 579 -30.33 -30.63 14.76
C GLU A 579 -29.84 -30.29 13.36
N ALA A 580 -29.39 -31.31 12.65
CA ALA A 580 -28.89 -31.18 11.28
C ALA A 580 -29.62 -32.21 10.42
N VAL A 581 -30.09 -31.76 9.26
CA VAL A 581 -30.81 -32.61 8.30
C VAL A 581 -30.24 -32.34 6.91
N MET A 582 -29.96 -33.41 6.17
CA MET A 582 -29.61 -33.27 4.75
C MET A 582 -30.53 -34.17 3.94
N GLY A 583 -31.27 -33.57 3.00
CA GLY A 583 -32.22 -34.31 2.20
C GLY A 583 -31.98 -34.07 0.72
N ILE A 584 -32.33 -35.08 -0.07
CA ILE A 584 -32.22 -35.00 -1.52
C ILE A 584 -33.62 -35.14 -2.10
N SER A 585 -33.91 -34.36 -3.14
CA SER A 585 -35.25 -34.39 -3.72
C SER A 585 -35.46 -35.68 -4.49
N ILE A 586 -36.71 -36.15 -4.49
CA ILE A 586 -37.08 -37.39 -5.16
C ILE A 586 -38.33 -37.18 -6.03
N GLU B 28 26.97 18.41 -8.51
CA GLU B 28 26.07 19.10 -7.59
C GLU B 28 26.03 20.61 -7.86
N TRP B 29 26.14 20.97 -9.15
CA TRP B 29 25.90 22.34 -9.58
C TRP B 29 24.47 22.78 -9.26
N TRP B 30 23.54 21.84 -9.11
CA TRP B 30 22.16 22.18 -8.82
C TRP B 30 22.00 22.74 -7.41
N LYS B 31 22.95 22.48 -6.51
CA LYS B 31 22.88 23.11 -5.19
C LYS B 31 23.11 24.61 -5.28
N GLU B 32 23.92 25.07 -6.23
CA GLU B 32 24.28 26.47 -6.37
C GLU B 32 23.45 27.19 -7.43
N ALA B 33 22.49 26.51 -8.02
CA ALA B 33 21.71 27.05 -9.11
C ALA B 33 20.62 28.00 -8.60
N VAL B 34 20.20 28.91 -9.47
CA VAL B 34 18.95 29.63 -9.33
C VAL B 34 18.12 29.30 -10.57
N VAL B 35 16.90 28.81 -10.35
CA VAL B 35 16.03 28.33 -11.43
C VAL B 35 14.99 29.41 -11.75
N TYR B 36 14.84 29.70 -13.03
CA TYR B 36 13.74 30.53 -13.53
C TYR B 36 12.71 29.63 -14.19
N GLN B 37 11.47 29.65 -13.69
CA GLN B 37 10.41 28.85 -14.29
C GLN B 37 9.65 29.67 -15.32
N ILE B 38 9.59 29.14 -16.55
CA ILE B 38 8.83 29.74 -17.65
C ILE B 38 7.52 28.98 -17.80
N TYR B 39 6.41 29.72 -17.92
CA TYR B 39 5.13 29.15 -18.37
C TYR B 39 4.98 29.60 -19.82
N PRO B 40 5.37 28.74 -20.77
CA PRO B 40 5.72 29.29 -22.10
C PRO B 40 4.54 29.86 -22.87
N ARG B 41 3.31 29.35 -22.71
CA ARG B 41 2.23 29.97 -23.46
C ARG B 41 1.97 31.40 -23.03
N SER B 42 2.56 31.84 -21.91
CA SER B 42 2.33 33.18 -21.40
C SER B 42 3.64 33.98 -21.28
N PHE B 43 4.72 33.54 -21.91
CA PHE B 43 6.00 34.24 -21.69
C PHE B 43 6.26 35.26 -22.79
N TYR B 44 6.46 34.82 -24.05
CA TYR B 44 6.64 35.76 -25.15
C TYR B 44 6.19 35.15 -26.46
N ASP B 45 5.38 35.88 -27.22
CA ASP B 45 4.82 35.40 -28.47
C ASP B 45 5.63 35.98 -29.62
N ALA B 46 6.58 35.20 -30.13
CA ALA B 46 7.36 35.67 -31.28
C ALA B 46 6.56 35.63 -32.58
N ASN B 47 5.62 34.70 -32.73
CA ASN B 47 5.00 34.45 -34.04
C ASN B 47 3.83 35.38 -34.34
N GLY B 48 3.15 35.89 -33.33
CA GLY B 48 2.07 36.83 -33.52
C GLY B 48 0.67 36.24 -33.50
N ASP B 49 0.50 35.02 -33.00
CA ASP B 49 -0.84 34.43 -32.89
C ASP B 49 -1.45 34.56 -31.50
N GLY B 50 -0.78 35.25 -30.58
CA GLY B 50 -1.30 35.45 -29.24
C GLY B 50 -0.88 34.39 -28.23
N PHE B 51 -0.07 33.43 -28.65
CA PHE B 51 0.28 32.25 -27.85
C PHE B 51 1.79 32.25 -27.69
N GLY B 52 2.28 32.31 -26.46
CA GLY B 52 3.72 32.30 -26.25
C GLY B 52 4.36 31.04 -26.83
N ASP B 53 5.54 31.20 -27.44
CA ASP B 53 6.10 30.10 -28.22
C ASP B 53 7.58 29.92 -27.90
N LEU B 54 8.17 28.86 -28.49
CA LEU B 54 9.56 28.51 -28.20
C LEU B 54 10.55 29.53 -28.78
N GLN B 55 10.28 30.06 -29.98
CA GLN B 55 11.13 31.14 -30.47
C GLN B 55 11.05 32.36 -29.55
N GLY B 56 9.88 32.61 -28.95
CA GLY B 56 9.75 33.68 -27.97
C GLY B 56 10.66 33.47 -26.77
N VAL B 57 10.74 32.23 -26.27
CA VAL B 57 11.67 31.93 -25.19
C VAL B 57 13.10 32.22 -25.62
N ILE B 58 13.47 31.77 -26.82
CA ILE B 58 14.83 32.00 -27.32
C ILE B 58 15.17 33.48 -27.31
N GLN B 59 14.22 34.31 -27.76
CA GLN B 59 14.46 35.75 -27.81
C GLN B 59 14.64 36.37 -26.43
N LYS B 60 14.15 35.71 -25.37
CA LYS B 60 14.20 36.29 -24.03
C LYS B 60 15.25 35.64 -23.14
N LEU B 61 16.10 34.76 -23.70
CA LEU B 61 17.13 34.12 -22.88
C LEU B 61 18.15 35.14 -22.36
N ASP B 62 18.52 36.13 -23.17
CA ASP B 62 19.46 37.15 -22.68
C ASP B 62 18.89 37.85 -21.46
N TYR B 63 17.57 38.06 -21.44
CA TYR B 63 16.91 38.68 -20.28
C TYR B 63 17.06 37.82 -19.04
N ILE B 64 16.78 36.52 -19.17
CA ILE B 64 16.88 35.60 -18.04
C ILE B 64 18.32 35.53 -17.54
N LYS B 65 19.29 35.48 -18.47
CA LYS B 65 20.68 35.47 -18.06
C LYS B 65 21.08 36.78 -17.36
N ASN B 66 20.55 37.92 -17.84
CA ASN B 66 20.81 39.19 -17.17
C ASN B 66 20.32 39.17 -15.74
N LEU B 67 19.12 38.63 -15.51
CA LEU B 67 18.62 38.46 -14.13
C LEU B 67 19.59 37.64 -13.30
N GLY B 68 20.13 36.57 -13.87
CA GLY B 68 21.14 35.77 -13.21
C GLY B 68 20.79 34.32 -13.00
N ALA B 69 19.61 33.86 -13.39
CA ALA B 69 19.30 32.44 -13.28
C ALA B 69 20.23 31.64 -14.19
N ASP B 70 20.63 30.45 -13.76
CA ASP B 70 21.42 29.62 -14.66
C ASP B 70 20.74 28.33 -15.07
N VAL B 71 19.52 28.09 -14.59
CA VAL B 71 18.69 26.95 -15.00
C VAL B 71 17.32 27.51 -15.32
N ILE B 72 16.74 27.06 -16.45
CA ILE B 72 15.36 27.37 -16.82
CA ILE B 72 15.36 27.37 -16.76
C ILE B 72 14.57 26.07 -16.74
N TRP B 73 13.43 26.10 -16.08
CA TRP B 73 12.48 24.98 -16.09
C TRP B 73 11.29 25.45 -16.92
N LEU B 74 11.01 24.70 -17.99
CA LEU B 74 9.92 24.99 -18.90
C LEU B 74 8.72 24.14 -18.52
N SER B 75 7.58 24.78 -18.26
CA SER B 75 6.33 24.03 -18.16
C SER B 75 6.08 23.34 -19.49
N PRO B 76 5.22 22.31 -19.52
CA PRO B 76 5.27 21.33 -20.63
C PRO B 76 4.80 21.88 -21.98
N VAL B 77 5.62 21.64 -22.99
CA VAL B 77 5.40 22.07 -24.36
C VAL B 77 5.13 20.92 -25.30
N PHE B 78 5.05 19.69 -24.78
CA PHE B 78 4.79 18.52 -25.59
C PHE B 78 3.36 18.55 -26.13
N ASP B 79 3.12 17.76 -27.19
CA ASP B 79 1.79 17.75 -27.79
C ASP B 79 0.74 17.37 -26.77
N SER B 80 -0.38 18.07 -26.81
CA SER B 80 -1.40 18.07 -25.78
C SER B 80 -2.67 18.71 -26.32
N PRO B 81 -3.85 18.16 -26.05
CA PRO B 81 -5.11 18.86 -26.39
C PRO B 81 -5.38 20.06 -25.51
N GLN B 82 -4.52 20.34 -24.52
CA GLN B 82 -4.59 21.52 -23.68
C GLN B 82 -5.79 21.53 -22.75
N ASP B 83 -6.35 20.36 -22.40
CA ASP B 83 -7.41 20.32 -21.39
C ASP B 83 -6.91 20.88 -20.07
N ASP B 84 -5.65 20.60 -19.74
CA ASP B 84 -4.95 21.12 -18.58
C ASP B 84 -3.67 21.82 -19.02
N ASN B 85 -3.77 22.54 -20.14
CA ASN B 85 -2.70 23.41 -20.66
C ASN B 85 -1.33 22.75 -20.59
N GLY B 86 -1.24 21.58 -21.23
CA GLY B 86 0.03 20.89 -21.43
C GLY B 86 0.32 19.78 -20.45
N TYR B 87 -0.36 19.77 -19.30
CA TYR B 87 -0.18 18.68 -18.36
C TYR B 87 -1.03 17.45 -18.70
N ASP B 88 -1.71 17.49 -19.85
CA ASP B 88 -2.39 16.33 -20.44
C ASP B 88 -1.67 16.02 -21.76
N ILE B 89 -0.66 15.18 -21.71
CA ILE B 89 0.25 14.99 -22.83
C ILE B 89 -0.26 13.89 -23.74
N SER B 90 -0.37 14.20 -25.03
CA SER B 90 -0.78 13.21 -26.03
C SER B 90 0.37 12.69 -26.87
N ASP B 91 1.57 13.26 -26.72
CA ASP B 91 2.75 12.79 -27.44
C ASP B 91 3.97 13.32 -26.67
N TYR B 92 4.76 12.41 -26.09
CA TYR B 92 5.95 12.79 -25.33
C TYR B 92 7.14 13.19 -26.19
N LYS B 93 7.12 12.92 -27.50
CA LYS B 93 8.31 13.13 -28.31
C LYS B 93 8.10 14.18 -29.40
N ASN B 94 7.05 15.01 -29.28
CA ASN B 94 6.80 16.07 -30.24
C ASN B 94 6.21 17.26 -29.50
N MET B 95 6.36 18.45 -30.09
CA MET B 95 5.83 19.66 -29.50
C MET B 95 4.36 19.88 -29.87
N TYR B 96 3.64 20.55 -28.98
CA TYR B 96 2.36 21.14 -29.36
C TYR B 96 2.60 22.20 -30.43
N GLU B 97 1.77 22.16 -31.48
CA GLU B 97 2.04 22.93 -32.69
C GLU B 97 2.19 24.43 -32.42
N LYS B 98 1.44 24.98 -31.45
CA LYS B 98 1.50 26.42 -31.22
C LYS B 98 2.79 26.82 -30.52
N PHE B 99 3.47 25.89 -29.86
CA PHE B 99 4.78 26.22 -29.29
C PHE B 99 5.88 26.19 -30.34
N GLY B 100 5.73 25.35 -31.36
CA GLY B 100 6.68 25.26 -32.46
C GLY B 100 6.89 23.81 -32.85
N THR B 101 8.04 23.55 -33.47
CA THR B 101 8.44 22.20 -33.87
C THR B 101 9.54 21.70 -32.95
N ASN B 102 9.82 20.40 -33.05
CA ASN B 102 11.00 19.87 -32.37
C ASN B 102 12.26 20.63 -32.76
N GLU B 103 12.33 21.11 -34.01
CA GLU B 103 13.48 21.94 -34.42
C GLU B 103 13.60 23.19 -33.56
N ASP B 104 12.48 23.85 -33.26
CA ASP B 104 12.53 25.00 -32.36
C ASP B 104 13.01 24.57 -30.97
N MET B 105 12.54 23.41 -30.51
CA MET B 105 12.93 22.92 -29.19
C MET B 105 14.41 22.60 -29.14
N PHE B 106 14.94 21.94 -30.18
CA PHE B 106 16.38 21.67 -30.21
C PHE B 106 17.17 22.96 -30.31
N GLN B 107 16.66 23.96 -31.05
CA GLN B 107 17.33 25.24 -31.08
C GLN B 107 17.35 25.87 -29.68
N LEU B 108 16.23 25.81 -28.96
CA LEU B 108 16.19 26.37 -27.60
C LEU B 108 17.23 25.71 -26.71
N ILE B 109 17.35 24.38 -26.78
CA ILE B 109 18.33 23.67 -25.96
C ILE B 109 19.73 24.19 -26.26
N ASP B 110 20.05 24.35 -27.56
CA ASP B 110 21.37 24.84 -27.97
CA ASP B 110 21.38 24.84 -27.94
C ASP B 110 21.60 26.26 -27.48
N GLU B 111 20.59 27.13 -27.63
CA GLU B 111 20.74 28.53 -27.24
C GLU B 111 20.91 28.67 -25.73
N VAL B 112 20.21 27.84 -24.95
CA VAL B 112 20.42 27.81 -23.50
C VAL B 112 21.86 27.45 -23.20
N HIS B 113 22.37 26.38 -23.83
CA HIS B 113 23.72 25.92 -23.54
C HIS B 113 24.77 26.93 -24.00
N LYS B 114 24.54 27.59 -25.14
CA LYS B 114 25.46 28.62 -25.61
C LYS B 114 25.67 29.71 -24.58
N ARG B 115 24.65 30.00 -23.77
CA ARG B 115 24.71 31.02 -22.74
C ARG B 115 25.20 30.47 -21.40
N GLY B 116 25.68 29.23 -21.36
CA GLY B 116 26.15 28.67 -20.11
C GLY B 116 25.04 28.31 -19.14
N MET B 117 23.82 28.17 -19.63
CA MET B 117 22.68 27.85 -18.79
C MET B 117 22.31 26.39 -19.02
N LYS B 118 21.35 25.91 -18.23
CA LYS B 118 20.84 24.54 -18.31
C LYS B 118 19.33 24.59 -18.42
N ILE B 119 18.75 23.54 -19.02
CA ILE B 119 17.31 23.51 -19.25
C ILE B 119 16.72 22.25 -18.63
N VAL B 120 15.69 22.44 -17.81
CA VAL B 120 14.92 21.37 -17.18
C VAL B 120 13.53 21.32 -17.81
N MET B 121 13.08 20.12 -18.18
CA MET B 121 11.75 19.97 -18.74
C MET B 121 10.80 19.38 -17.71
N ASP B 122 9.50 19.46 -18.01
CA ASP B 122 8.46 18.93 -17.14
C ASP B 122 8.19 17.49 -17.53
N LEU B 123 8.44 16.56 -16.61
CA LEU B 123 8.15 15.14 -16.81
C LEU B 123 6.76 14.86 -16.22
N VAL B 124 5.80 14.58 -17.09
CA VAL B 124 4.42 14.41 -16.69
C VAL B 124 4.04 12.95 -16.96
N VAL B 125 4.31 12.07 -16.00
CA VAL B 125 4.15 10.65 -16.24
C VAL B 125 3.33 9.96 -15.15
N ASN B 126 2.61 10.72 -14.33
CA ASN B 126 1.55 10.12 -13.54
C ASN B 126 0.36 9.76 -14.41
N HIS B 127 0.19 10.47 -15.52
CA HIS B 127 -1.00 10.37 -16.35
C HIS B 127 -0.63 10.82 -17.76
N THR B 128 -1.47 10.45 -18.72
CA THR B 128 -1.38 11.01 -20.08
C THR B 128 -2.71 11.66 -20.45
N SER B 129 -2.74 12.28 -21.63
CA SER B 129 -4.01 12.65 -22.22
C SER B 129 -4.78 11.41 -22.63
N ASP B 130 -6.10 11.47 -22.54
CA ASP B 130 -6.92 10.40 -23.10
C ASP B 130 -6.85 10.37 -24.62
N GLU B 131 -6.25 11.36 -25.25
CA GLU B 131 -5.97 11.33 -26.68
C GLU B 131 -4.56 10.82 -26.98
N HIS B 132 -3.80 10.40 -25.97
CA HIS B 132 -2.54 9.72 -26.25
C HIS B 132 -2.82 8.42 -26.99
N ALA B 133 -1.89 8.05 -27.89
CA ALA B 133 -2.06 6.84 -28.69
C ALA B 133 -2.17 5.61 -27.80
N TRP B 134 -1.28 5.49 -26.81
CA TRP B 134 -1.36 4.38 -25.87
C TRP B 134 -2.77 4.22 -25.32
N PHE B 135 -3.42 5.33 -24.98
CA PHE B 135 -4.74 5.24 -24.39
C PHE B 135 -5.83 5.04 -25.44
N ALA B 136 -5.63 5.58 -26.65
CA ALA B 136 -6.53 5.29 -27.75
C ALA B 136 -6.64 3.78 -27.96
N GLU B 137 -5.49 3.10 -27.99
CA GLU B 137 -5.49 1.65 -28.07
C GLU B 137 -6.04 1.02 -26.80
N SER B 138 -5.57 1.49 -25.63
CA SER B 138 -5.88 0.82 -24.38
C SER B 138 -7.39 0.69 -24.16
N ARG B 139 -8.15 1.73 -24.52
CA ARG B 139 -9.56 1.78 -24.16
C ARG B 139 -10.46 0.92 -25.04
N LYS B 140 -9.93 0.30 -26.10
CA LYS B 140 -10.80 -0.36 -27.06
C LYS B 140 -11.34 -1.69 -26.53
N SER B 141 -10.46 -2.55 -26.01
CA SER B 141 -10.86 -3.88 -25.58
C SER B 141 -9.95 -4.35 -24.46
N LYS B 142 -10.51 -5.18 -23.57
CA LYS B 142 -9.72 -5.77 -22.50
C LYS B 142 -8.57 -6.63 -23.02
N ASP B 143 -8.59 -7.02 -24.30
CA ASP B 143 -7.51 -7.79 -24.91
C ASP B 143 -6.53 -6.93 -25.70
N ASN B 144 -6.73 -5.61 -25.73
CA ASN B 144 -5.81 -4.74 -26.44
C ASN B 144 -4.42 -4.83 -25.81
N PRO B 145 -3.35 -4.88 -26.62
CA PRO B 145 -2.01 -4.98 -26.04
C PRO B 145 -1.61 -3.80 -25.17
N TYR B 146 -2.22 -2.64 -25.35
CA TYR B 146 -1.94 -1.48 -24.51
C TYR B 146 -2.92 -1.36 -23.34
N ARG B 147 -3.77 -2.37 -23.12
CA ARG B 147 -4.86 -2.26 -22.16
C ARG B 147 -4.36 -2.02 -20.74
N ASP B 148 -3.28 -2.69 -20.34
CA ASP B 148 -2.77 -2.58 -18.99
C ASP B 148 -1.84 -1.38 -18.79
N TYR B 149 -1.67 -0.54 -19.82
CA TYR B 149 -0.94 0.72 -19.64
C TYR B 149 -1.66 1.66 -18.69
N TYR B 150 -2.95 1.46 -18.47
CA TYR B 150 -3.74 2.32 -17.60
C TYR B 150 -4.44 1.49 -16.54
N LEU B 151 -5.34 2.10 -15.76
CA LEU B 151 -5.88 1.52 -14.53
C LEU B 151 -7.39 1.33 -14.65
N TRP B 152 -7.80 0.12 -15.02
CA TRP B 152 -9.18 -0.23 -15.28
C TRP B 152 -9.73 -1.09 -14.14
N LYS B 153 -10.95 -0.80 -13.70
CA LYS B 153 -11.61 -1.56 -12.65
C LYS B 153 -13.08 -1.74 -12.97
N ASP B 154 -13.63 -2.89 -12.57
CA ASP B 154 -15.05 -3.15 -12.74
C ASP B 154 -15.86 -2.18 -11.87
N PRO B 155 -17.11 -1.91 -12.23
CA PRO B 155 -17.98 -1.14 -11.34
C PRO B 155 -18.33 -1.93 -10.09
N LYS B 156 -18.87 -1.22 -9.11
CA LYS B 156 -19.46 -1.83 -7.92
C LYS B 156 -20.64 -2.69 -8.36
N PRO B 157 -21.25 -3.51 -7.47
CA PRO B 157 -22.42 -4.30 -7.88
C PRO B 157 -23.48 -3.48 -8.59
N ASP B 158 -23.98 -2.43 -7.95
CA ASP B 158 -24.93 -1.52 -8.57
C ASP B 158 -24.33 -0.87 -9.81
N SER B 160 -21.91 1.61 -10.17
CA SER B 160 -21.28 2.76 -9.53
C SER B 160 -19.76 2.59 -9.47
N GLU B 161 -19.07 3.62 -8.97
CA GLU B 161 -17.62 3.70 -9.05
C GLU B 161 -16.94 2.73 -8.09
N PRO B 162 -15.78 2.20 -8.48
CA PRO B 162 -15.07 1.22 -7.63
C PRO B 162 -14.85 1.69 -6.19
N ASN B 163 -14.63 2.98 -5.98
CA ASN B 163 -14.54 3.51 -4.63
C ASN B 163 -14.96 4.98 -4.66
N ASN B 164 -14.80 5.66 -3.52
CA ASN B 164 -15.24 7.03 -3.37
C ASN B 164 -14.11 8.04 -3.61
N TRP B 165 -13.04 7.63 -4.29
CA TRP B 165 -11.92 8.53 -4.52
C TRP B 165 -12.34 9.67 -5.44
N GLY B 166 -11.92 10.88 -5.09
CA GLY B 166 -12.24 12.06 -5.86
C GLY B 166 -11.10 12.48 -6.77
N SER B 167 -11.47 13.28 -7.77
CA SER B 167 -10.49 13.92 -8.63
C SER B 167 -10.04 15.24 -7.99
N ILE B 168 -8.76 15.58 -8.19
CA ILE B 168 -8.30 16.87 -7.70
C ILE B 168 -9.00 18.02 -8.43
N PHE B 169 -9.50 17.76 -9.65
CA PHE B 169 -10.27 18.76 -10.39
C PHE B 169 -11.78 18.50 -10.31
N SER B 170 -12.25 18.05 -9.15
CA SER B 170 -13.66 17.88 -8.78
C SER B 170 -14.26 16.57 -9.29
N GLY B 171 -15.28 16.07 -8.57
CA GLY B 171 -15.96 14.87 -8.98
C GLY B 171 -15.18 13.61 -8.64
N SER B 172 -15.56 12.53 -9.33
CA SER B 172 -14.98 11.22 -9.10
C SER B 172 -13.67 11.06 -9.87
N ALA B 173 -12.78 10.22 -9.33
CA ALA B 173 -11.54 9.86 -10.00
C ALA B 173 -11.73 8.72 -11.01
N TRP B 174 -12.97 8.28 -11.26
CA TRP B 174 -13.23 7.17 -12.16
C TRP B 174 -14.19 7.62 -13.26
N THR B 175 -13.92 7.16 -14.48
CA THR B 175 -14.77 7.45 -15.63
C THR B 175 -15.10 6.16 -16.36
N TYR B 176 -16.38 5.96 -16.68
CA TYR B 176 -16.86 4.71 -17.26
C TYR B 176 -16.65 4.68 -18.77
N ASP B 177 -16.14 3.55 -19.27
CA ASP B 177 -15.99 3.32 -20.71
C ASP B 177 -17.11 2.38 -21.16
N GLU B 178 -17.99 2.89 -22.03
CA GLU B 178 -19.24 2.20 -22.36
C GLU B 178 -18.98 0.81 -22.93
N GLY B 179 -18.18 0.73 -24.00
CA GLY B 179 -18.02 -0.52 -24.73
C GLY B 179 -17.13 -1.55 -24.09
N THR B 180 -16.39 -1.19 -23.05
CA THR B 180 -15.53 -2.13 -22.36
C THR B 180 -16.07 -2.54 -21.00
N GLY B 181 -17.03 -1.81 -20.44
CA GLY B 181 -17.64 -2.17 -19.18
C GLY B 181 -16.89 -1.74 -17.93
N GLN B 182 -15.70 -1.17 -18.06
CA GLN B 182 -14.86 -0.83 -16.91
C GLN B 182 -14.68 0.68 -16.80
N TYR B 183 -14.41 1.12 -15.56
CA TYR B 183 -13.99 2.49 -15.26
C TYR B 183 -12.48 2.62 -15.40
N TYR B 184 -12.02 3.81 -15.76
CA TYR B 184 -10.60 4.12 -15.69
C TYR B 184 -10.34 5.23 -14.68
N LEU B 185 -9.15 5.20 -14.10
CA LEU B 185 -8.78 6.09 -13.02
C LEU B 185 -8.16 7.38 -13.55
N HIS B 186 -8.54 8.51 -12.94
CA HIS B 186 -7.89 9.78 -13.25
C HIS B 186 -7.89 10.65 -11.99
N TYR B 187 -6.71 10.84 -11.39
CA TYR B 187 -6.63 11.77 -10.26
C TYR B 187 -7.00 13.20 -10.68
N PHE B 188 -6.74 13.56 -11.92
CA PHE B 188 -6.97 14.91 -12.42
C PHE B 188 -8.17 14.88 -13.38
N SER B 189 -8.11 15.50 -14.56
CA SER B 189 -9.32 15.56 -15.38
C SER B 189 -9.65 14.19 -15.97
N LYS B 190 -10.91 14.03 -16.39
CA LYS B 190 -11.29 12.82 -17.09
C LYS B 190 -10.50 12.64 -18.38
N LYS B 191 -9.88 13.71 -18.89
CA LYS B 191 -8.99 13.61 -20.03
C LYS B 191 -7.52 13.44 -19.63
N GLN B 192 -7.28 13.02 -18.37
CA GLN B 192 -5.94 12.74 -17.86
C GLN B 192 -5.93 11.37 -17.19
N PRO B 193 -6.09 10.29 -17.94
CA PRO B 193 -6.07 8.94 -17.32
C PRO B 193 -4.70 8.60 -16.75
N ASP B 194 -4.70 8.03 -15.55
CA ASP B 194 -3.46 7.69 -14.84
C ASP B 194 -2.78 6.46 -15.43
N LEU B 195 -1.45 6.52 -15.54
CA LEU B 195 -0.68 5.38 -16.02
C LEU B 195 -0.58 4.31 -14.95
N ASN B 196 -0.35 3.07 -15.39
CA ASN B 196 -0.23 1.92 -14.49
C ASN B 196 1.25 1.59 -14.30
N TRP B 197 1.85 2.16 -13.26
CA TRP B 197 3.27 1.93 -12.99
C TRP B 197 3.56 0.52 -12.49
N GLU B 198 2.53 -0.27 -12.17
CA GLU B 198 2.74 -1.68 -11.85
C GLU B 198 3.17 -2.46 -13.09
N ASN B 199 2.77 -1.99 -14.27
CA ASN B 199 3.20 -2.59 -15.52
C ASN B 199 4.61 -2.13 -15.85
N GLU B 200 5.56 -3.08 -15.87
CA GLU B 200 6.95 -2.73 -16.14
C GLU B 200 7.11 -2.08 -17.51
N ALA B 201 6.28 -2.47 -18.48
CA ALA B 201 6.40 -1.90 -19.81
C ALA B 201 6.10 -0.41 -19.80
N VAL B 202 5.21 0.04 -18.92
CA VAL B 202 4.94 1.47 -18.77
C VAL B 202 6.19 2.19 -18.28
N ARG B 203 6.84 1.63 -17.26
CA ARG B 203 8.08 2.23 -16.78
C ARG B 203 9.14 2.27 -17.88
N ARG B 204 9.19 1.22 -18.71
CA ARG B 204 10.12 1.22 -19.84
C ARG B 204 9.83 2.38 -20.79
N GLU B 205 8.54 2.61 -21.07
CA GLU B 205 8.16 3.71 -21.95
C GLU B 205 8.57 5.06 -21.37
N VAL B 206 8.35 5.25 -20.06
CA VAL B 206 8.79 6.48 -19.40
C VAL B 206 10.30 6.66 -19.55
N TYR B 207 11.06 5.59 -19.31
CA TYR B 207 12.51 5.70 -19.41
C TYR B 207 12.96 6.02 -20.82
N ASP B 208 12.24 5.51 -21.83
CA ASP B 208 12.56 5.85 -23.21
CA ASP B 208 12.53 5.85 -23.21
C ASP B 208 12.29 7.34 -23.46
N VAL B 209 11.18 7.88 -22.96
CA VAL B 209 10.94 9.32 -23.08
C VAL B 209 12.07 10.10 -22.44
N MET B 210 12.50 9.71 -21.24
CA MET B 210 13.55 10.47 -20.55
C MET B 210 14.86 10.40 -21.33
N ARG B 211 15.25 9.22 -21.80
CA ARG B 211 16.48 9.11 -22.56
C ARG B 211 16.40 9.92 -23.86
N PHE B 212 15.24 9.88 -24.52
CA PHE B 212 15.06 10.63 -25.77
C PHE B 212 15.48 12.07 -25.58
N TRP B 213 14.99 12.70 -24.52
CA TRP B 213 15.21 14.13 -24.32
C TRP B 213 16.57 14.42 -23.70
N MET B 214 17.01 13.59 -22.76
CA MET B 214 18.33 13.80 -22.17
C MET B 214 19.44 13.56 -23.18
N ASP B 215 19.27 12.56 -24.05
CA ASP B 215 20.25 12.36 -25.12
C ASP B 215 20.33 13.56 -26.05
N ARG B 216 19.25 14.33 -26.14
CA ARG B 216 19.20 15.51 -27.00
C ARG B 216 19.47 16.79 -26.23
N GLY B 217 20.04 16.68 -25.02
CA GLY B 217 20.59 17.83 -24.33
C GLY B 217 19.77 18.36 -23.16
N VAL B 218 18.61 17.78 -22.86
CA VAL B 218 17.85 18.22 -21.70
C VAL B 218 18.61 17.87 -20.43
N ASP B 219 18.74 18.84 -19.52
CA ASP B 219 19.65 18.73 -18.38
C ASP B 219 18.98 18.20 -17.12
N GLY B 220 17.69 17.92 -17.16
CA GLY B 220 17.02 17.43 -15.98
C GLY B 220 15.51 17.56 -16.11
N TRP B 221 14.84 17.25 -15.00
CA TRP B 221 13.40 17.10 -14.98
C TRP B 221 12.80 17.69 -13.72
N ARG B 222 11.67 18.38 -13.90
CA ARG B 222 10.72 18.66 -12.84
C ARG B 222 9.60 17.65 -13.00
N MET B 223 9.38 16.81 -11.99
CA MET B 223 8.51 15.64 -12.16
C MET B 223 7.14 15.94 -11.59
N ASP B 224 6.17 16.08 -12.50
CA ASP B 224 4.81 16.46 -12.14
C ASP B 224 4.15 15.41 -11.25
N VAL B 225 3.53 15.88 -10.17
CA VAL B 225 2.87 15.09 -9.11
C VAL B 225 3.49 13.70 -8.99
N ILE B 226 4.82 13.66 -8.84
CA ILE B 226 5.54 12.41 -8.74
C ILE B 226 5.08 11.61 -7.53
N GLY B 227 4.52 12.29 -6.52
CA GLY B 227 4.02 11.58 -5.34
C GLY B 227 2.86 10.64 -5.60
N SER B 228 2.25 10.69 -6.79
CA SER B 228 1.07 9.89 -7.08
C SER B 228 1.33 8.64 -7.92
N ILE B 229 2.56 8.42 -8.40
CA ILE B 229 2.74 7.37 -9.42
C ILE B 229 2.52 5.98 -8.87
N SER B 230 2.63 5.77 -7.56
CA SER B 230 2.38 4.47 -6.95
C SER B 230 1.00 4.46 -6.33
N LYS B 231 0.14 3.55 -6.78
CA LYS B 231 -1.20 3.44 -6.25
C LYS B 231 -1.27 2.36 -5.18
N TYR B 232 -2.28 2.48 -4.32
CA TYR B 232 -2.73 1.36 -3.48
C TYR B 232 -3.66 0.51 -4.34
N THR B 233 -3.13 -0.59 -4.89
CA THR B 233 -3.80 -1.28 -5.98
C THR B 233 -5.00 -2.11 -5.52
N ASP B 234 -5.25 -2.22 -4.22
CA ASP B 234 -6.53 -2.74 -3.76
C ASP B 234 -7.59 -1.66 -3.73
N PHE B 235 -7.22 -0.42 -3.99
CA PHE B 235 -8.15 0.70 -4.12
C PHE B 235 -9.15 0.83 -2.98
N PRO B 236 -8.69 0.97 -1.74
CA PRO B 236 -9.60 1.05 -0.61
C PRO B 236 -10.40 2.35 -0.62
N ASP B 237 -11.61 2.27 -0.09
CA ASP B 237 -12.41 3.46 0.15
C ASP B 237 -11.83 4.30 1.28
N TYR B 238 -12.01 5.60 1.19
CA TYR B 238 -11.86 6.46 2.35
C TYR B 238 -13.03 6.25 3.30
N GLU B 239 -12.78 6.45 4.59
CA GLU B 239 -13.82 6.36 5.59
C GLU B 239 -14.62 7.67 5.63
N THR B 240 -15.93 7.56 5.54
CA THR B 240 -16.82 8.72 5.64
C THR B 240 -18.22 8.29 6.06
N SER B 245 -18.93 12.73 -0.18
CA SER B 245 -19.29 12.12 -1.46
C SER B 245 -18.06 11.57 -2.20
N TYR B 246 -17.13 12.47 -2.54
CA TYR B 246 -15.86 12.10 -3.16
C TYR B 246 -14.74 12.69 -2.32
N ILE B 247 -13.69 11.90 -2.10
CA ILE B 247 -12.65 12.27 -1.15
C ILE B 247 -11.28 12.17 -1.81
N VAL B 248 -10.44 13.18 -1.57
CA VAL B 248 -9.03 13.16 -1.89
C VAL B 248 -8.27 13.15 -0.57
N GLY B 249 -7.37 12.20 -0.39
CA GLY B 249 -6.70 12.03 0.88
C GLY B 249 -5.38 11.30 0.75
N ARG B 250 -5.03 10.54 1.81
CA ARG B 250 -3.69 9.98 1.93
C ARG B 250 -3.38 8.88 0.92
N TYR B 251 -4.40 8.26 0.32
CA TYR B 251 -4.11 7.22 -0.68
C TYR B 251 -3.66 7.83 -2.00
N HIS B 252 -3.93 9.11 -2.23
CA HIS B 252 -3.60 9.77 -3.49
C HIS B 252 -2.12 10.10 -3.63
N SER B 253 -1.31 9.79 -2.62
CA SER B 253 0.13 10.02 -2.72
C SER B 253 0.84 9.08 -1.77
N ASN B 254 2.17 9.03 -1.91
CA ASN B 254 3.05 8.28 -1.01
C ASN B 254 2.69 6.79 -0.99
N GLY B 255 2.60 6.22 -2.20
CA GLY B 255 2.24 4.82 -2.36
C GLY B 255 3.34 3.88 -1.93
N PRO B 256 3.02 2.59 -1.77
CA PRO B 256 3.98 1.64 -1.20
C PRO B 256 5.10 1.23 -2.13
N ARG B 257 5.08 1.68 -3.40
CA ARG B 257 6.13 1.40 -4.35
C ARG B 257 6.67 2.70 -4.95
N LEU B 258 6.28 3.84 -4.37
CA LEU B 258 6.72 5.13 -4.89
C LEU B 258 8.24 5.19 -4.99
N HIS B 259 8.92 4.94 -3.86
CA HIS B 259 10.36 5.10 -3.86
C HIS B 259 11.06 3.96 -4.56
N GLU B 260 10.45 2.77 -4.55
CA GLU B 260 10.91 1.67 -5.41
C GLU B 260 10.99 2.13 -6.87
N PHE B 261 9.92 2.73 -7.38
CA PHE B 261 9.86 3.18 -8.77
C PHE B 261 10.88 4.28 -9.04
N ILE B 262 11.02 5.23 -8.12
CA ILE B 262 11.99 6.31 -8.34
C ILE B 262 13.41 5.78 -8.28
N GLN B 263 13.69 4.81 -7.40
CA GLN B 263 15.02 4.22 -7.38
C GLN B 263 15.32 3.49 -8.69
N GLU B 264 14.32 2.81 -9.25
CA GLU B 264 14.51 2.17 -10.55
C GLU B 264 14.77 3.20 -11.62
N MET B 265 14.00 4.30 -11.60
CA MET B 265 14.19 5.37 -12.57
C MET B 265 15.61 5.93 -12.48
N ASN B 266 16.13 6.04 -11.26
CA ASN B 266 17.51 6.49 -11.08
C ASN B 266 18.50 5.47 -11.65
N ARG B 267 18.34 4.19 -11.31
CA ARG B 267 19.25 3.17 -11.82
C ARG B 267 19.24 3.12 -13.35
N GLU B 268 18.05 3.10 -13.94
CA GLU B 268 17.90 2.90 -15.37
C GLU B 268 18.26 4.14 -16.19
N VAL B 269 18.02 5.34 -15.65
CA VAL B 269 18.14 6.58 -16.42
C VAL B 269 19.04 7.61 -15.74
N LEU B 270 18.60 8.13 -14.58
CA LEU B 270 19.27 9.33 -14.03
C LEU B 270 20.75 9.10 -13.75
N SER B 271 21.13 7.90 -13.35
CA SER B 271 22.54 7.61 -13.05
C SER B 271 23.43 7.71 -14.27
N HIS B 272 22.87 7.74 -15.48
CA HIS B 272 23.66 7.81 -16.71
C HIS B 272 23.91 9.24 -17.18
N TYR B 273 23.37 10.24 -16.49
CA TYR B 273 23.45 11.62 -16.97
C TYR B 273 23.87 12.56 -15.83
N ASP B 274 24.55 13.63 -16.22
CA ASP B 274 24.82 14.75 -15.32
C ASP B 274 23.58 15.63 -15.36
N CYS B 275 22.66 15.37 -14.43
CA CYS B 275 21.34 15.95 -14.51
C CYS B 275 20.91 16.47 -13.14
N MET B 276 19.86 17.28 -13.16
CA MET B 276 19.20 17.79 -11.97
C MET B 276 17.77 17.30 -11.97
N THR B 277 17.26 16.86 -10.81
CA THR B 277 15.87 16.45 -10.71
C THR B 277 15.20 17.15 -9.55
N VAL B 278 13.98 17.63 -9.80
CA VAL B 278 13.14 18.18 -8.75
C VAL B 278 11.77 17.52 -8.85
N GLY B 279 11.38 16.82 -7.79
CA GLY B 279 10.08 16.17 -7.77
C GLY B 279 9.05 17.14 -7.25
N GLU B 280 7.92 17.21 -7.94
CA GLU B 280 6.76 17.91 -7.37
C GLU B 280 6.07 16.91 -6.46
N ALA B 281 6.38 16.99 -5.18
CA ALA B 281 6.04 15.92 -4.25
C ALA B 281 4.77 16.31 -3.51
N ASN B 282 3.64 16.10 -4.19
CA ASN B 282 2.35 16.29 -3.53
C ASN B 282 2.26 15.32 -2.37
N GLY B 283 1.70 15.80 -1.25
CA GLY B 283 1.57 14.97 -0.07
C GLY B 283 2.83 14.81 0.74
N SER B 284 3.88 15.58 0.46
CA SER B 284 5.15 15.38 1.15
C SER B 284 5.17 16.12 2.48
N ASP B 285 5.63 15.42 3.52
CA ASP B 285 6.12 16.02 4.75
C ASP B 285 7.64 15.85 4.78
N ILE B 286 8.24 16.31 5.88
CA ILE B 286 9.70 16.32 5.95
C ILE B 286 10.25 14.89 5.96
N GLU B 287 9.52 13.94 6.55
CA GLU B 287 9.93 12.55 6.52
C GLU B 287 9.95 12.00 5.09
N GLU B 288 8.91 12.28 4.32
CA GLU B 288 8.90 11.83 2.94
C GLU B 288 10.00 12.51 2.13
N ALA B 289 10.25 13.79 2.42
CA ALA B 289 11.26 14.53 1.67
C ALA B 289 12.64 13.90 1.83
N LYS B 290 12.95 13.37 3.02
CA LYS B 290 14.23 12.70 3.18
C LYS B 290 14.29 11.44 2.32
N LYS B 291 13.16 10.74 2.14
CA LYS B 291 13.15 9.56 1.29
C LYS B 291 13.45 9.92 -0.16
N TYR B 292 12.94 11.05 -0.62
CA TYR B 292 13.17 11.49 -1.98
C TYR B 292 14.59 12.01 -2.19
N THR B 293 15.14 12.75 -1.20
CA THR B 293 16.27 13.62 -1.49
C THR B 293 17.57 13.22 -0.81
N ASP B 294 17.55 12.29 0.15
CA ASP B 294 18.78 11.75 0.72
C ASP B 294 19.63 11.20 -0.41
N ALA B 295 20.80 11.80 -0.61
CA ALA B 295 21.69 11.39 -1.70
C ALA B 295 22.02 9.91 -1.62
N SER B 296 22.11 9.35 -0.41
CA SER B 296 22.47 7.95 -0.29
C SER B 296 21.37 7.03 -0.80
N ARG B 297 20.15 7.54 -0.97
CA ARG B 297 19.04 6.74 -1.44
C ARG B 297 18.92 6.72 -2.96
N GLN B 298 19.68 7.55 -3.65
CA GLN B 298 19.75 7.52 -5.12
C GLN B 298 18.35 7.62 -5.75
N GLU B 299 17.65 8.70 -5.39
CA GLU B 299 16.34 9.00 -5.94
C GLU B 299 16.42 10.35 -6.63
N LEU B 300 15.93 11.42 -6.03
CA LEU B 300 15.93 12.76 -6.64
C LEU B 300 16.91 13.68 -5.91
N ASN B 301 17.19 14.84 -6.53
CA ASN B 301 18.05 15.83 -5.87
C ASN B 301 17.28 16.68 -4.86
N MET B 302 16.01 16.98 -5.14
CA MET B 302 15.24 17.91 -4.33
C MET B 302 13.77 17.76 -4.69
N ILE B 303 12.89 18.28 -3.84
CA ILE B 303 11.46 18.25 -4.12
C ILE B 303 10.79 19.57 -3.77
N PHE B 304 9.70 19.86 -4.49
CA PHE B 304 8.74 20.84 -4.06
C PHE B 304 7.79 20.22 -3.04
N THR B 305 7.64 20.89 -1.91
CA THR B 305 6.57 20.54 -0.98
C THR B 305 5.47 21.57 -1.07
N PHE B 306 4.31 21.21 -0.52
CA PHE B 306 3.19 22.13 -0.47
C PHE B 306 2.89 22.64 0.94
N GLU B 307 3.66 22.21 1.94
CA GLU B 307 3.27 22.54 3.31
C GLU B 307 3.28 24.04 3.56
N HIS B 308 4.22 24.78 2.96
CA HIS B 308 4.22 26.23 3.15
C HIS B 308 3.16 26.93 2.30
N MET B 309 2.73 26.31 1.21
CA MET B 309 1.62 26.82 0.41
C MET B 309 0.27 26.54 1.04
N ASP B 310 0.20 25.61 1.99
CA ASP B 310 -1.08 25.19 2.53
C ASP B 310 -1.41 25.87 3.86
N ILE B 311 -0.57 26.79 4.33
CA ILE B 311 -0.84 27.47 5.60
C ILE B 311 -2.07 28.36 5.56
N ASP B 312 -2.61 28.68 4.37
CA ASP B 312 -3.80 29.52 4.30
C ASP B 312 -4.98 28.78 3.68
N LYS B 313 -5.06 27.46 3.88
CA LYS B 313 -6.28 26.73 3.57
C LYS B 313 -6.75 25.98 4.81
N GLU B 314 -8.06 25.88 4.97
CA GLU B 314 -8.64 25.09 6.05
C GLU B 314 -8.34 23.61 5.83
N GLN B 315 -7.87 22.95 6.88
CA GLN B 315 -7.37 21.58 6.79
C GLN B 315 -8.33 20.57 6.14
N ASN B 316 -9.58 20.57 6.59
CA ASN B 316 -10.57 19.64 6.07
CA SER B 317 -13.23 21.37 4.28
C SER B 317 -13.50 20.71 2.93
N PRO B 318 -14.78 20.52 2.60
CA PRO B 318 -15.10 19.95 1.28
C PRO B 318 -14.71 20.86 0.14
N ASN B 319 -14.49 22.15 0.40
CA ASN B 319 -14.09 23.13 -0.60
C ASN B 319 -12.58 23.16 -0.87
N GLY B 320 -11.81 22.28 -0.21
CA GLY B 320 -10.41 22.14 -0.54
C GLY B 320 -9.64 23.45 -0.46
N LYS B 321 -8.83 23.71 -1.49
CA LYS B 321 -8.01 24.91 -1.55
C LYS B 321 -8.83 26.19 -1.52
N TRP B 322 -10.12 26.13 -1.88
CA TRP B 322 -10.93 27.33 -1.93
C TRP B 322 -11.43 27.77 -0.56
N GLN B 323 -11.21 26.98 0.49
CA GLN B 323 -11.51 27.39 1.85
C GLN B 323 -10.28 28.10 2.41
N ILE B 324 -10.27 29.41 2.36
CA ILE B 324 -9.06 30.21 2.57
C ILE B 324 -9.04 30.80 3.97
N LYS B 325 -7.84 30.79 4.59
CA LYS B 325 -7.54 31.43 5.85
C LYS B 325 -6.61 32.62 5.62
N PRO B 326 -6.67 33.64 6.49
CA PRO B 326 -5.75 34.77 6.36
C PRO B 326 -4.30 34.33 6.52
N PHE B 327 -3.40 35.11 5.93
CA PHE B 327 -1.97 34.85 6.07
C PHE B 327 -1.57 34.89 7.54
N ASP B 328 -0.86 33.85 7.98
CA ASP B 328 -0.44 33.69 9.37
C ASP B 328 1.09 33.57 9.34
N LEU B 329 1.78 34.65 9.71
CA LEU B 329 3.23 34.67 9.65
C LEU B 329 3.85 33.62 10.56
N ILE B 330 3.28 33.43 11.76
CA ILE B 330 3.80 32.41 12.65
C ILE B 330 3.75 31.04 11.99
N ALA B 331 2.65 30.74 11.28
CA ALA B 331 2.56 29.45 10.60
C ALA B 331 3.61 29.32 9.50
N LEU B 332 3.86 30.39 8.74
CA LEU B 332 4.91 30.35 7.72
C LEU B 332 6.27 30.13 8.34
N LYS B 333 6.58 30.88 9.39
CA LYS B 333 7.88 30.71 10.04
C LYS B 333 8.06 29.30 10.57
N LYS B 334 7.03 28.74 11.21
CA LYS B 334 7.16 27.39 11.75
C LYS B 334 7.33 26.36 10.65
N THR B 335 6.57 26.49 9.55
CA THR B 335 6.63 25.48 8.51
C THR B 335 7.95 25.56 7.76
N MET B 336 8.34 26.75 7.34
CA MET B 336 9.60 26.88 6.61
C MET B 336 10.77 26.46 7.48
N THR B 337 10.70 26.77 8.77
CA THR B 337 11.78 26.38 9.68
C THR B 337 11.87 24.86 9.84
N ARG B 338 10.71 24.19 9.92
CA ARG B 338 10.73 22.73 9.98
C ARG B 338 11.41 22.13 8.76
N TRP B 339 11.23 22.76 7.59
CA TRP B 339 11.88 22.24 6.40
C TRP B 339 13.36 22.58 6.36
N GLN B 340 13.73 23.77 6.84
CA GLN B 340 15.13 24.16 6.90
C GLN B 340 15.92 23.29 7.88
N THR B 341 15.32 22.95 9.02
CA THR B 341 16.04 22.10 9.96
C THR B 341 15.93 20.65 9.55
N GLY B 342 14.78 20.24 9.01
CA GLY B 342 14.59 18.85 8.61
C GLY B 342 15.58 18.39 7.55
N LEU B 343 15.88 19.25 6.58
CA LEU B 343 16.85 18.93 5.52
C LEU B 343 18.13 19.73 5.66
N MET B 344 18.54 20.04 6.89
CA MET B 344 19.74 20.86 7.07
C MET B 344 21.01 20.09 6.72
N ASN B 345 21.08 18.81 7.09
CA ASN B 345 22.30 18.04 6.90
C ASN B 345 22.08 16.76 6.11
N VAL B 346 20.88 16.52 5.61
CA VAL B 346 20.60 15.45 4.68
C VAL B 346 19.58 15.99 3.68
N GLY B 347 19.69 15.54 2.43
CA GLY B 347 18.77 16.01 1.41
C GLY B 347 19.08 17.44 1.01
N TRP B 348 18.07 18.10 0.44
CA TRP B 348 18.20 19.44 -0.12
C TRP B 348 16.81 20.04 -0.29
N ASN B 349 16.67 21.34 0.00
CA ASN B 349 15.40 22.04 -0.14
C ASN B 349 15.28 22.73 -1.49
N THR B 350 14.04 22.80 -2.00
CA THR B 350 13.68 23.83 -2.98
C THR B 350 13.14 25.04 -2.24
N LEU B 351 13.27 26.22 -2.84
CA LEU B 351 12.77 27.47 -2.26
C LEU B 351 11.87 28.15 -3.28
N TYR B 352 10.57 28.21 -2.99
CA TYR B 352 9.64 28.87 -3.91
C TYR B 352 8.46 29.46 -3.16
N PHE B 353 7.96 30.60 -3.65
CA PHE B 353 6.65 31.13 -3.28
C PHE B 353 5.69 31.22 -4.46
N GLU B 354 6.19 31.09 -5.69
CA GLU B 354 5.35 31.25 -6.88
C GLU B 354 5.63 30.14 -7.88
N ASN B 355 4.60 29.81 -8.66
CA ASN B 355 4.67 28.96 -9.85
C ASN B 355 3.35 29.13 -10.61
N HIS B 356 3.15 28.34 -11.65
CA HIS B 356 1.95 28.48 -12.49
C HIS B 356 0.69 27.95 -11.82
N ASP B 357 0.79 27.40 -10.62
CA ASP B 357 -0.33 26.91 -9.83
C ASP B 357 -0.69 27.80 -8.65
N GLN B 358 0.10 28.84 -8.39
CA GLN B 358 -0.06 29.64 -7.19
C GLN B 358 -0.33 31.08 -7.56
N PRO B 359 -1.07 31.81 -6.74
CA PRO B 359 -1.23 33.25 -6.97
C PRO B 359 0.07 33.98 -6.74
N ARG B 360 0.07 35.26 -7.15
CA ARG B 360 1.21 36.10 -6.86
C ARG B 360 1.30 36.34 -5.36
N VAL B 361 2.47 36.08 -4.79
CA VAL B 361 2.57 36.01 -3.33
C VAL B 361 2.31 37.36 -2.68
N ILE B 362 2.67 38.46 -3.37
CA ILE B 362 2.46 39.79 -2.79
C ILE B 362 0.97 40.14 -2.77
N SER B 363 0.19 39.66 -3.75
CA SER B 363 -1.26 39.85 -3.70
C SER B 363 -1.89 38.95 -2.64
N ARG B 364 -1.40 37.71 -2.56
CA ARG B 364 -2.00 36.71 -1.70
C ARG B 364 -1.78 37.04 -0.23
N TRP B 365 -0.56 37.42 0.13
CA TRP B 365 -0.15 37.51 1.52
C TRP B 365 0.35 38.89 1.94
N GLY B 366 0.42 39.85 1.02
CA GLY B 366 1.04 41.12 1.35
C GLY B 366 0.34 42.33 0.79
N ASN B 367 1.13 43.35 0.44
CA ASN B 367 0.63 44.58 -0.15
C ASN B 367 1.10 44.61 -1.60
N ASP B 368 0.15 44.72 -2.53
CA ASP B 368 0.50 44.84 -3.95
C ASP B 368 0.16 46.21 -4.52
N ARG B 369 0.09 47.23 -3.67
CA ARG B 369 -0.20 48.59 -4.13
C ARG B 369 0.93 49.55 -3.77
N LYS B 370 0.71 50.44 -2.80
CA LYS B 370 1.72 51.45 -2.53
C LYS B 370 3.01 50.86 -1.95
N LEU B 371 2.93 49.70 -1.30
CA LEU B 371 4.11 49.02 -0.77
C LEU B 371 4.49 47.80 -1.59
N ARG B 372 4.03 47.74 -2.84
CA ARG B 372 4.29 46.56 -3.67
C ARG B 372 5.78 46.27 -3.80
N LYS B 373 6.59 47.29 -4.04
CA LYS B 373 8.02 47.05 -4.23
C LYS B 373 8.68 46.58 -2.95
N GLU B 374 8.43 47.26 -1.83
CA GLU B 374 8.97 46.82 -0.54
C GLU B 374 8.54 45.41 -0.22
N CYS B 375 7.25 45.11 -0.42
CA CYS B 375 6.70 43.81 -0.08
C CYS B 375 7.30 42.70 -0.94
N ALA B 376 7.41 42.92 -2.26
CA ALA B 376 8.00 41.90 -3.11
C ALA B 376 9.44 41.62 -2.73
N LYS B 377 10.19 42.68 -2.43
CA LYS B 377 11.58 42.51 -2.01
C LYS B 377 11.67 41.82 -0.65
N ALA B 378 10.73 42.10 0.26
CA ALA B 378 10.72 41.45 1.56
C ALA B 378 10.52 39.94 1.45
N PHE B 379 9.49 39.51 0.71
CA PHE B 379 9.30 38.07 0.52
C PHE B 379 10.50 37.45 -0.18
N ALA B 380 11.11 38.15 -1.14
CA ALA B 380 12.28 37.60 -1.82
C ALA B 380 13.44 37.40 -0.84
N THR B 381 13.60 38.33 0.09
CA THR B 381 14.70 38.23 1.06
C THR B 381 14.51 37.04 1.99
N VAL B 382 13.29 36.87 2.53
CA VAL B 382 13.00 35.71 3.37
C VAL B 382 13.36 34.42 2.65
N LEU B 383 12.99 34.32 1.37
CA LEU B 383 13.16 33.09 0.62
C LEU B 383 14.62 32.86 0.23
N HIS B 384 15.27 33.87 -0.37
CA HIS B 384 16.60 33.69 -0.91
C HIS B 384 17.69 33.64 0.15
N GLY B 385 17.40 34.08 1.38
CA GLY B 385 18.37 33.92 2.45
C GLY B 385 18.44 32.53 3.06
N MET B 386 17.62 31.59 2.59
CA MET B 386 17.57 30.26 3.19
C MET B 386 18.43 29.27 2.42
N LYS B 387 18.62 28.10 3.02
CA LYS B 387 19.34 27.01 2.38
C LYS B 387 18.45 26.28 1.39
N GLY B 388 18.95 26.08 0.18
CA GLY B 388 18.23 25.36 -0.85
C GLY B 388 18.45 25.99 -2.20
N THR B 389 17.73 25.49 -3.20
CA THR B 389 17.79 26.04 -4.56
C THR B 389 16.61 26.96 -4.77
N PRO B 390 16.82 28.26 -5.02
CA PRO B 390 15.70 29.18 -5.26
C PRO B 390 15.09 28.98 -6.64
N PHE B 391 13.76 29.12 -6.69
CA PHE B 391 12.98 29.13 -7.92
C PHE B 391 12.32 30.49 -8.04
N ILE B 392 12.48 31.13 -9.20
CA ILE B 392 11.85 32.41 -9.52
C ILE B 392 10.84 32.13 -10.62
N TYR B 393 9.56 32.40 -10.35
CA TYR B 393 8.54 32.22 -11.37
C TYR B 393 8.46 33.46 -12.25
N GLN B 394 8.29 33.26 -13.57
CA GLN B 394 8.25 34.41 -14.49
C GLN B 394 7.34 35.52 -13.98
N GLY B 395 7.89 36.74 -13.90
CA GLY B 395 7.15 37.90 -13.44
C GLY B 395 7.25 38.17 -11.95
N GLU B 396 7.60 37.16 -11.15
CA GLU B 396 7.89 37.40 -9.74
C GLU B 396 8.96 38.49 -9.59
N GLU B 397 9.96 38.48 -10.47
CA GLU B 397 11.09 39.38 -10.35
C GLU B 397 10.74 40.82 -10.71
N ILE B 398 9.56 41.09 -11.29
CA ILE B 398 9.10 42.46 -11.52
C ILE B 398 7.87 42.77 -10.69
N GLY B 399 7.49 41.87 -9.79
CA GLY B 399 6.36 42.10 -8.90
C GLY B 399 5.01 42.06 -9.61
N MET B 400 4.83 41.09 -10.50
CA MET B 400 3.52 40.93 -11.09
C MET B 400 2.52 40.52 -10.02
N VAL B 401 1.25 40.86 -10.26
CA VAL B 401 0.21 40.83 -9.25
C VAL B 401 -0.99 40.05 -9.78
N ASN B 402 -1.90 39.72 -8.86
CA ASN B 402 -3.16 39.07 -9.23
C ASN B 402 -3.99 39.99 -10.12
N SER B 403 -4.93 39.36 -10.83
CA SER B 403 -5.77 40.04 -11.82
C SER B 403 -7.15 40.35 -11.27
N ASP B 404 -7.72 41.49 -11.70
CA ASP B 404 -9.08 41.86 -11.36
C ASP B 404 -10.10 41.41 -12.42
N MET B 405 -9.71 40.51 -13.32
CA MET B 405 -10.61 40.15 -14.42
C MET B 405 -11.85 39.42 -13.90
N PRO B 406 -12.97 39.56 -14.62
CA PRO B 406 -14.18 38.84 -14.21
C PRO B 406 -14.03 37.34 -14.35
N LEU B 407 -14.82 36.62 -13.55
CA LEU B 407 -14.75 35.16 -13.56
C LEU B 407 -14.90 34.59 -14.96
N GLU B 408 -15.66 35.26 -15.84
CA GLU B 408 -15.88 34.79 -17.20
C GLU B 408 -14.58 34.69 -17.99
N MET B 409 -13.57 35.48 -17.62
CA MET B 409 -12.35 35.54 -18.40
C MET B 409 -11.32 34.52 -17.94
N TYR B 410 -11.57 33.84 -16.83
CA TYR B 410 -10.64 32.79 -16.40
C TYR B 410 -10.71 31.62 -17.38
N ASP B 411 -9.59 30.90 -17.47
CA ASP B 411 -9.43 29.79 -18.40
C ASP B 411 -9.37 28.44 -17.72
N ASP B 412 -8.82 28.39 -16.50
CA ASP B 412 -8.47 27.13 -15.84
C ASP B 412 -9.67 26.19 -15.64
N LEU B 413 -9.53 24.94 -16.11
CA LEU B 413 -10.58 23.96 -15.87
C LEU B 413 -10.81 23.72 -14.38
N GLU B 414 -9.78 23.95 -13.55
CA GLU B 414 -9.97 23.77 -12.12
C GLU B 414 -11.08 24.67 -11.61
N ILE B 415 -11.16 25.90 -12.12
CA ILE B 415 -12.12 26.88 -11.63
C ILE B 415 -13.52 26.57 -12.14
N LYS B 416 -13.63 26.15 -13.40
CA LYS B 416 -14.92 25.77 -13.95
C LYS B 416 -15.50 24.57 -13.23
N ASN B 417 -14.66 23.56 -12.98
CA ASN B 417 -15.14 22.35 -12.30
C ASN B 417 -15.50 22.63 -10.85
N ALA B 418 -14.70 23.44 -10.15
CA ALA B 418 -15.02 23.74 -8.76
C ALA B 418 -16.28 24.60 -8.65
N TYR B 419 -16.49 25.50 -9.61
CA TYR B 419 -17.72 26.27 -9.59
C TYR B 419 -18.93 25.36 -9.67
N ARG B 420 -18.91 24.41 -10.59
CA ARG B 420 -20.03 23.49 -10.74
C ARG B 420 -20.26 22.69 -9.46
N GLU B 421 -19.19 22.13 -8.90
CA GLU B 421 -19.33 21.25 -7.75
C GLU B 421 -19.69 22.04 -6.49
N LEU B 422 -18.89 23.04 -6.16
CA LEU B 422 -19.01 23.70 -4.86
C LEU B 422 -20.17 24.68 -4.80
N VAL B 423 -20.44 25.40 -5.89
CA VAL B 423 -21.45 26.46 -5.88
C VAL B 423 -22.79 25.95 -6.38
N VAL B 424 -22.81 25.27 -7.53
CA VAL B 424 -24.07 24.88 -8.14
C VAL B 424 -24.62 23.62 -7.48
N GLU B 425 -23.81 22.56 -7.45
CA GLU B 425 -24.33 21.24 -7.06
C GLU B 425 -24.38 21.07 -5.54
N ASN B 426 -23.22 20.97 -4.90
CA ASN B 426 -23.18 20.71 -3.46
C ASN B 426 -23.55 21.93 -2.63
N LYS B 427 -23.39 23.12 -3.19
CA LYS B 427 -23.74 24.38 -2.52
C LYS B 427 -22.99 24.56 -1.19
N THR B 428 -21.77 24.02 -1.12
CA THR B 428 -20.91 24.25 0.03
C THR B 428 -20.16 25.57 -0.03
N MET B 429 -20.34 26.35 -1.10
CA MET B 429 -19.88 27.73 -1.18
C MET B 429 -20.94 28.57 -1.88
N SER B 430 -21.08 29.82 -1.44
CA SER B 430 -21.92 30.77 -2.14
C SER B 430 -21.19 31.31 -3.37
N GLU B 431 -21.97 31.89 -4.28
CA GLU B 431 -21.40 32.51 -5.47
C GLU B 431 -20.34 33.54 -5.12
N LYS B 432 -20.67 34.43 -4.19
CA LYS B 432 -19.76 35.49 -3.80
C LYS B 432 -18.50 34.96 -3.14
N GLU B 433 -18.67 33.97 -2.28
CA GLU B 433 -17.52 33.41 -1.56
C GLU B 433 -16.57 32.69 -2.50
N PHE B 434 -17.11 32.00 -3.50
CA PHE B 434 -16.25 31.31 -4.47
C PHE B 434 -15.48 32.31 -5.33
N VAL B 435 -16.15 33.36 -5.79
CA VAL B 435 -15.48 34.38 -6.59
C VAL B 435 -14.34 35.02 -5.80
N LYS B 436 -14.59 35.28 -4.50
CA LYS B 436 -13.54 35.84 -3.66
C LYS B 436 -12.36 34.88 -3.51
N ALA B 437 -12.65 33.59 -3.31
CA ALA B 437 -11.58 32.60 -3.20
C ALA B 437 -10.77 32.54 -4.49
N VAL B 438 -11.45 32.58 -5.64
CA VAL B 438 -10.76 32.51 -6.94
C VAL B 438 -9.92 33.76 -7.17
N MET B 439 -10.38 34.92 -6.72
CA MET B 439 -9.58 36.12 -6.91
C MET B 439 -8.33 36.14 -6.02
N ILE B 440 -8.27 35.26 -5.03
CA ILE B 440 -7.06 35.08 -4.24
C ILE B 440 -6.18 33.98 -4.80
N LYS B 441 -6.74 32.81 -5.08
CA LYS B 441 -5.95 31.62 -5.33
C LYS B 441 -6.10 31.01 -6.72
N GLY B 442 -6.85 31.62 -7.63
CA GLY B 442 -6.99 31.05 -8.96
C GLY B 442 -5.63 30.88 -9.61
N ARG B 443 -5.42 29.74 -10.26
CA ARG B 443 -4.13 29.52 -10.91
C ARG B 443 -3.91 30.52 -12.05
N ASP B 444 -4.97 31.08 -12.63
CA ASP B 444 -4.77 31.99 -13.76
C ASP B 444 -4.10 33.30 -13.36
N HIS B 445 -4.04 33.62 -12.07
CA HIS B 445 -3.30 34.81 -11.66
C HIS B 445 -1.84 34.70 -12.03
N ALA B 446 -1.34 33.48 -12.14
CA ALA B 446 0.03 33.20 -12.56
C ALA B 446 0.19 33.10 -14.06
N ARG B 447 -0.91 33.08 -14.82
CA ARG B 447 -0.88 32.67 -16.21
C ARG B 447 -1.25 33.79 -17.18
N THR B 448 -1.63 34.98 -16.70
CA THR B 448 -1.80 36.09 -17.62
C THR B 448 -0.41 36.47 -18.16
N PRO B 449 -0.34 37.01 -19.38
CA PRO B 449 0.97 37.14 -20.04
C PRO B 449 2.00 37.98 -19.29
N MET B 450 3.25 37.53 -19.39
CA MET B 450 4.41 38.27 -18.91
C MET B 450 4.39 39.68 -19.47
N GLN B 451 4.71 40.66 -18.61
CA GLN B 451 4.51 42.08 -18.93
C GLN B 451 5.86 42.71 -19.27
N TRP B 452 6.09 42.93 -20.58
CA TRP B 452 7.39 43.36 -21.09
C TRP B 452 7.55 44.86 -21.18
N ASP B 453 6.49 45.58 -21.52
CA ASP B 453 6.54 47.04 -21.57
C ASP B 453 5.12 47.57 -21.40
N ALA B 454 4.95 48.87 -21.59
CA ALA B 454 3.67 49.54 -21.39
C ALA B 454 2.89 49.68 -22.70
N GLY B 455 3.38 49.07 -23.77
CA GLY B 455 2.67 49.10 -25.04
C GLY B 455 1.50 48.13 -25.08
N LYS B 456 0.88 48.05 -26.26
CA LYS B 456 -0.29 47.19 -26.42
C LYS B 456 0.00 45.76 -25.96
N HIS B 457 -0.88 45.22 -25.13
CA HIS B 457 -0.74 43.86 -24.57
C HIS B 457 0.58 43.69 -23.83
N ALA B 458 1.05 44.77 -23.21
CA ALA B 458 2.31 44.78 -22.46
C ALA B 458 3.48 44.28 -23.30
N GLY B 459 3.39 44.44 -24.62
CA GLY B 459 4.47 43.98 -25.47
C GLY B 459 4.63 42.48 -25.53
N PHE B 460 3.63 41.73 -25.07
CA PHE B 460 3.70 40.28 -25.10
C PHE B 460 3.41 39.71 -26.50
N THR B 461 2.56 40.39 -27.27
CA THR B 461 2.12 39.85 -28.54
C THR B 461 1.70 40.97 -29.47
N ALA B 462 1.90 40.73 -30.77
CA ALA B 462 1.33 41.56 -31.82
C ALA B 462 -0.05 41.08 -32.25
N GLY B 463 -0.52 39.99 -31.65
CA GLY B 463 -1.85 39.47 -31.94
C GLY B 463 -2.81 39.72 -30.80
N ASP B 464 -3.74 38.80 -30.58
CA ASP B 464 -4.69 38.86 -29.49
C ASP B 464 -4.27 37.84 -28.43
N PRO B 465 -3.89 38.26 -27.22
CA PRO B 465 -3.37 37.27 -26.26
C PRO B 465 -4.41 36.21 -25.91
N TRP B 466 -3.90 35.00 -25.63
CA TRP B 466 -4.80 33.87 -25.36
C TRP B 466 -5.65 34.10 -24.11
N ILE B 467 -5.14 34.91 -23.17
CA ILE B 467 -5.88 35.39 -22.00
C ILE B 467 -5.48 36.82 -21.75
N PRO B 468 -6.39 37.65 -21.23
CA PRO B 468 -6.08 39.09 -21.13
C PRO B 468 -4.88 39.37 -20.25
N VAL B 469 -4.09 40.36 -20.67
CA VAL B 469 -3.01 40.89 -19.84
C VAL B 469 -3.61 41.58 -18.63
N ASN B 470 -2.97 41.40 -17.47
CA ASN B 470 -3.40 42.08 -16.24
C ASN B 470 -3.53 43.58 -16.49
N SER B 471 -4.64 44.15 -16.01
CA SER B 471 -4.95 45.55 -16.32
C SER B 471 -3.95 46.55 -15.74
N ARG B 472 -3.04 46.12 -14.88
CA ARG B 472 -2.07 47.02 -14.26
C ARG B 472 -0.72 47.04 -14.97
N TYR B 473 -0.64 46.49 -16.19
CA TYR B 473 0.65 46.31 -16.84
C TYR B 473 1.37 47.61 -17.16
N GLN B 474 0.65 48.73 -17.28
CA GLN B 474 1.35 49.94 -17.67
C GLN B 474 2.29 50.42 -16.57
N ASP B 475 2.05 50.01 -15.32
CA ASP B 475 2.87 50.38 -14.18
C ASP B 475 3.82 49.27 -13.76
N ILE B 476 3.70 48.08 -14.34
CA ILE B 476 4.45 46.90 -13.89
C ILE B 476 4.93 46.16 -15.12
N ASN B 477 6.20 46.34 -15.49
CA ASN B 477 6.66 45.67 -16.71
C ASN B 477 8.18 45.69 -16.75
N VAL B 478 8.73 44.85 -17.62
CA VAL B 478 10.19 44.71 -17.68
C VAL B 478 10.85 46.05 -18.03
N LYS B 479 10.30 46.78 -18.99
CA LYS B 479 10.96 48.01 -19.43
C LYS B 479 11.08 49.02 -18.29
N GLU B 480 9.96 49.27 -17.58
CA GLU B 480 10.07 50.20 -16.45
C GLU B 480 10.95 49.63 -15.34
N SER B 481 10.92 48.31 -15.14
CA SER B 481 11.76 47.71 -14.10
C SER B 481 13.22 47.93 -14.41
N LEU B 482 13.62 47.79 -15.67
CA LEU B 482 15.04 47.96 -16.00
C LEU B 482 15.45 49.44 -16.01
N GLU B 483 14.51 50.38 -16.15
CA GLU B 483 14.87 51.79 -16.07
C GLU B 483 15.07 52.26 -14.63
N ASP B 484 14.46 51.58 -13.65
CA ASP B 484 14.35 52.06 -12.29
C ASP B 484 15.38 51.35 -11.40
N GLN B 485 16.38 52.10 -10.92
CA GLN B 485 17.39 51.48 -10.07
C GLN B 485 16.79 50.87 -8.80
N ASP B 486 15.62 51.33 -8.38
CA ASP B 486 14.92 50.85 -7.19
C ASP B 486 13.94 49.72 -7.51
N SER B 487 14.07 49.09 -8.68
CA SER B 487 13.08 48.09 -9.07
C SER B 487 13.26 46.79 -8.30
N ILE B 488 12.14 46.04 -8.21
CA ILE B 488 12.19 44.66 -7.72
C ILE B 488 13.17 43.83 -8.53
N PHE B 489 13.23 44.08 -9.85
CA PHE B 489 14.16 43.33 -10.70
C PHE B 489 15.59 43.44 -10.19
N PHE B 490 16.05 44.66 -9.94
CA PHE B 490 17.45 44.80 -9.54
C PHE B 490 17.69 44.21 -8.17
N TYR B 491 16.66 44.17 -7.32
CA TYR B 491 16.78 43.52 -6.03
C TYR B 491 16.96 42.01 -6.18
N TYR B 492 16.16 41.38 -7.06
CA TYR B 492 16.37 39.97 -7.36
C TYR B 492 17.74 39.74 -7.99
N GLN B 493 18.15 40.59 -8.92
CA GLN B 493 19.46 40.42 -9.53
C GLN B 493 20.55 40.45 -8.47
N LYS B 494 20.42 41.35 -7.50
CA LYS B 494 21.42 41.45 -6.44
C LYS B 494 21.39 40.22 -5.54
N LEU B 495 20.19 39.75 -5.16
CA LEU B 495 20.08 38.54 -4.35
C LEU B 495 20.76 37.36 -5.02
N ILE B 496 20.63 37.24 -6.35
CA ILE B 496 21.29 36.15 -7.07
C ILE B 496 22.80 36.33 -7.06
N GLN B 497 23.26 37.57 -7.30
CA GLN B 497 24.70 37.86 -7.25
C GLN B 497 25.28 37.54 -5.88
N LEU B 498 24.57 37.90 -4.81
CA LEU B 498 25.06 37.62 -3.47
C LEU B 498 25.20 36.12 -3.23
N ARG B 499 24.23 35.33 -3.71
CA ARG B 499 24.31 33.89 -3.52
C ARG B 499 25.54 33.32 -4.22
N LYS B 500 25.93 33.89 -5.36
CA LYS B 500 27.11 33.41 -6.07
C LYS B 500 28.40 33.90 -5.44
N GLN B 501 28.36 35.00 -4.68
CA GLN B 501 29.55 35.55 -4.05
C GLN B 501 29.82 35.00 -2.65
N TYR B 502 28.77 34.67 -1.90
CA TYR B 502 28.90 34.31 -0.49
C TYR B 502 28.45 32.88 -0.31
N LYS B 503 29.43 31.98 -0.18
CA LYS B 503 29.14 30.56 -0.02
C LYS B 503 28.25 30.29 1.19
N ILE B 504 28.24 31.17 2.19
CA ILE B 504 27.39 30.94 3.35
C ILE B 504 25.92 30.88 2.94
N MET B 505 25.53 31.60 1.90
CA MET B 505 24.14 31.56 1.46
C MET B 505 23.76 30.19 0.91
N ILE B 506 24.71 29.47 0.34
CA ILE B 506 24.42 28.16 -0.18
C ILE B 506 24.60 27.07 0.88
N TYR B 507 25.66 27.13 1.68
CA TYR B 507 26.06 25.99 2.51
C TYR B 507 25.91 26.18 4.02
N GLY B 508 25.52 27.37 4.48
CA GLY B 508 25.35 27.59 5.90
C GLY B 508 24.12 26.89 6.46
N ASP B 509 24.15 26.66 7.78
CA ASP B 509 22.99 26.08 8.45
C ASP B 509 21.94 27.16 8.68
N TYR B 510 20.95 26.87 9.51
CA TYR B 510 19.79 27.74 9.69
C TYR B 510 19.31 27.68 11.13
N GLN B 511 19.00 28.85 11.70
CA GLN B 511 18.38 28.94 13.01
C GLN B 511 17.34 30.05 12.98
N LEU B 512 16.10 29.72 13.34
CA LEU B 512 15.07 30.75 13.46
C LEU B 512 15.29 31.59 14.72
N LEU B 513 15.15 32.90 14.57
CA LEU B 513 15.21 33.83 15.69
C LEU B 513 13.84 34.43 15.96
N GLN B 514 13.64 34.92 17.18
CA GLN B 514 12.40 35.57 17.61
C GLN B 514 11.18 34.87 17.01
N GLU B 515 11.04 33.59 17.35
CA GLU B 515 10.13 32.74 16.61
C GLU B 515 8.66 33.14 16.75
N ASN B 516 8.30 33.85 17.82
CA ASN B 516 6.89 34.20 18.03
C ASN B 516 6.57 35.65 17.71
N ASP B 517 7.54 36.41 17.18
CA ASP B 517 7.24 37.76 16.74
C ASP B 517 6.17 37.72 15.66
N PRO B 518 5.07 38.46 15.81
CA PRO B 518 3.98 38.40 14.82
C PRO B 518 4.23 39.23 13.57
N GLN B 519 5.32 39.98 13.51
CA GLN B 519 5.62 40.82 12.36
C GLN B 519 6.91 40.45 11.66
N VAL B 520 7.92 40.02 12.41
CA VAL B 520 9.29 39.93 11.92
C VAL B 520 9.65 38.47 11.69
N PHE B 521 10.18 38.18 10.52
CA PHE B 521 10.74 36.89 10.15
C PHE B 521 12.25 37.10 10.15
N SER B 522 12.93 36.58 11.17
CA SER B 522 14.37 36.75 11.29
C SER B 522 15.02 35.41 11.54
N TYR B 523 16.18 35.20 10.93
CA TYR B 523 16.89 33.94 11.11
C TYR B 523 18.37 34.17 10.84
N LEU B 524 19.16 33.15 11.16
CA LEU B 524 20.62 33.20 11.10
C LEU B 524 21.15 32.00 10.33
N ARG B 525 22.10 32.26 9.44
CA ARG B 525 22.89 31.21 8.79
C ARG B 525 24.31 31.29 9.34
N GLU B 526 24.93 30.12 9.55
CA GLU B 526 26.30 30.05 10.01
C GLU B 526 27.11 29.10 9.14
N TYR B 527 28.33 29.51 8.79
CA TYR B 527 29.20 28.71 7.93
C TYR B 527 30.64 29.13 8.17
N ARG B 528 31.44 28.22 8.74
CA ARG B 528 32.88 28.41 8.88
C ARG B 528 33.22 29.72 9.59
N GLY B 529 32.53 29.97 10.70
CA GLY B 529 32.79 31.15 11.51
C GLY B 529 32.12 32.42 11.04
N GLU B 530 31.47 32.39 9.88
CA GLU B 530 30.74 33.52 9.35
C GLU B 530 29.27 33.39 9.74
N LYS B 531 28.60 34.54 9.85
CA LYS B 531 27.19 34.58 10.17
C LYS B 531 26.45 35.43 9.15
N LEU B 532 25.28 34.96 8.72
CA LEU B 532 24.39 35.74 7.87
C LEU B 532 23.10 35.98 8.64
N LEU B 533 22.77 37.25 8.86
CA LEU B 533 21.57 37.62 9.60
C LEU B 533 20.53 38.14 8.61
N VAL B 534 19.35 37.52 8.58
CA VAL B 534 18.25 37.98 7.73
C VAL B 534 17.14 38.48 8.65
N VAL B 535 16.71 39.72 8.44
CA VAL B 535 15.68 40.35 9.26
C VAL B 535 14.65 40.98 8.32
N VAL B 536 13.41 40.50 8.36
CA VAL B 536 12.38 40.98 7.45
C VAL B 536 11.08 41.24 8.20
N ASN B 537 10.60 42.47 8.11
CA ASN B 537 9.29 42.86 8.61
C ASN B 537 8.25 42.46 7.57
N LEU B 538 7.52 41.38 7.79
CA LEU B 538 6.45 41.00 6.86
C LEU B 538 5.10 41.55 7.33
N SER B 539 5.06 42.86 7.52
CA SER B 539 3.85 43.56 7.92
C SER B 539 3.93 44.99 7.41
N GLU B 540 2.78 45.65 7.38
CA GLU B 540 2.69 47.03 6.94
C GLU B 540 2.91 48.06 8.04
N GLU B 541 3.20 47.62 9.27
CA GLU B 541 3.44 48.53 10.37
C GLU B 541 4.91 48.50 10.78
N LYS B 542 5.35 49.54 11.48
CA LYS B 542 6.69 49.55 12.04
C LYS B 542 6.86 48.36 12.98
N ALA B 543 8.08 47.82 13.00
CA ALA B 543 8.39 46.70 13.86
C ALA B 543 9.77 46.92 14.44
N LEU B 544 10.05 46.24 15.55
CA LEU B 544 11.34 46.34 16.22
C LEU B 544 11.98 44.97 16.23
N PHE B 545 13.21 44.89 15.72
CA PHE B 545 14.05 43.72 15.87
C PHE B 545 15.14 44.05 16.87
N GLU B 546 15.31 43.18 17.86
CA GLU B 546 16.44 43.27 18.78
C GLU B 546 17.23 41.98 18.66
N ALA B 547 18.52 42.11 18.38
CA ALA B 547 19.36 40.94 18.19
C ALA B 547 19.39 40.11 19.48
N PRO B 548 19.43 38.78 19.37
CA PRO B 548 19.57 37.96 20.57
C PRO B 548 20.89 38.26 21.26
N PRO B 549 20.98 38.00 22.57
CA PRO B 549 22.17 38.44 23.34
C PRO B 549 23.49 37.96 22.76
N GLU B 550 23.53 36.74 22.22
CA GLU B 550 24.78 36.21 21.70
C GLU B 550 25.27 36.94 20.46
N LEU B 551 24.41 37.71 19.78
CA LEU B 551 24.79 38.43 18.56
C LEU B 551 25.04 39.91 18.78
N ILE B 552 24.92 40.40 20.02
CA ILE B 552 24.85 41.84 20.27
C ILE B 552 26.16 42.54 19.90
N HIS B 553 27.30 41.85 20.01
CA HIS B 553 28.58 42.48 19.78
C HIS B 553 29.23 42.03 18.48
N GLU B 554 28.45 41.47 17.56
CA GLU B 554 28.93 41.23 16.21
C GLU B 554 29.05 42.54 15.46
N ARG B 555 29.95 42.56 14.48
CA ARG B 555 30.01 43.65 13.51
C ARG B 555 29.43 43.14 12.20
N TRP B 556 28.61 43.96 11.56
CA TRP B 556 27.88 43.54 10.38
C TRP B 556 28.21 44.42 9.19
N LYS B 557 28.23 43.81 8.01
CA LYS B 557 28.19 44.53 6.75
C LYS B 557 26.83 44.23 6.11
N VAL B 558 26.10 45.29 5.76
CA VAL B 558 24.78 45.10 5.15
C VAL B 558 25.00 44.70 3.70
N LEU B 559 24.45 43.55 3.32
CA LEU B 559 24.60 43.05 1.96
C LEU B 559 23.51 43.58 1.05
N ILE B 560 22.30 43.73 1.57
CA ILE B 560 21.17 44.20 0.78
C ILE B 560 20.10 44.69 1.73
N SER B 561 19.32 45.67 1.28
CA SER B 561 18.17 46.17 2.02
C SER B 561 17.23 46.83 1.03
N ASN B 562 15.92 46.79 1.32
CA ASN B 562 14.96 47.43 0.43
C ASN B 562 14.61 48.84 0.86
N TYR B 563 15.34 49.41 1.81
CA TYR B 563 15.29 50.81 2.18
C TYR B 563 16.71 51.33 2.23
N PRO B 564 16.90 52.63 2.04
CA PRO B 564 18.23 53.22 2.30
C PRO B 564 18.63 52.98 3.75
N GLN B 565 19.88 52.55 3.94
CA GLN B 565 20.44 52.25 5.26
C GLN B 565 21.61 53.18 5.54
N GLU B 566 21.72 53.64 6.79
CA GLU B 566 22.82 54.50 7.21
C GLU B 566 23.94 53.71 7.86
N ARG B 567 23.66 53.08 8.99
CA ARG B 567 24.67 52.33 9.74
C ARG B 567 24.27 50.86 9.81
N ALA B 568 25.28 49.99 9.85
CA ALA B 568 25.10 48.55 9.98
C ALA B 568 24.97 48.11 11.43
N ASP B 569 24.42 48.96 12.30
CA ASP B 569 24.16 48.61 13.71
C ASP B 569 22.86 47.82 13.75
N LEU B 570 22.99 46.49 13.71
CA LEU B 570 21.84 45.61 13.62
C LEU B 570 21.42 45.06 14.99
N LYS B 571 22.05 45.51 16.07
CA LYS B 571 21.62 45.02 17.38
C LYS B 571 20.21 45.49 17.72
N SER B 572 19.75 46.60 17.13
CA SER B 572 18.39 47.08 17.33
C SER B 572 17.95 47.78 16.05
N ILE B 573 16.95 47.23 15.36
CA ILE B 573 16.50 47.74 14.07
C ILE B 573 15.04 48.13 14.19
N SER B 574 14.74 49.41 14.03
CA SER B 574 13.36 49.88 13.95
C SER B 574 12.94 49.77 12.48
N LEU B 575 12.16 48.75 12.17
CA LEU B 575 11.88 48.36 10.80
C LEU B 575 10.69 49.14 10.24
N LYS B 576 10.89 49.77 9.08
CA LYS B 576 9.79 50.41 8.37
C LYS B 576 8.91 49.34 7.73
N PRO B 577 7.74 49.71 7.21
CA PRO B 577 6.85 48.71 6.62
C PRO B 577 7.54 47.87 5.55
N TYR B 578 7.44 46.56 5.72
CA TYR B 578 8.04 45.56 4.84
C TYR B 578 9.56 45.75 4.69
N GLU B 579 10.22 46.36 5.66
CA GLU B 579 11.66 46.54 5.55
C GLU B 579 12.41 45.23 5.72
N ALA B 580 13.39 45.01 4.85
CA ALA B 580 14.20 43.79 4.82
C ALA B 580 15.67 44.16 4.84
N VAL B 581 16.45 43.45 5.64
CA VAL B 581 17.89 43.66 5.71
C VAL B 581 18.56 42.30 5.76
N MET B 582 19.66 42.16 5.01
CA MET B 582 20.54 41.01 5.11
C MET B 582 21.93 41.53 5.46
N GLY B 583 22.53 40.96 6.51
CA GLY B 583 23.85 41.36 6.93
C GLY B 583 24.76 40.17 7.09
N ILE B 584 26.05 40.39 6.82
CA ILE B 584 27.06 39.35 7.02
C ILE B 584 28.04 39.83 8.08
N SER B 585 28.47 38.91 8.95
CA SER B 585 29.38 39.29 10.02
C SER B 585 30.76 39.56 9.47
N ILE B 586 31.44 40.55 10.05
CA ILE B 586 32.79 40.90 9.63
C ILE B 586 33.73 40.97 10.84
#